data_8V9M
#
_entry.id   8V9M
#
_cell.length_a   115.334
_cell.length_b   115.334
_cell.length_c   186.292
_cell.angle_alpha   90.000
_cell.angle_beta   90.000
_cell.angle_gamma   120.000
#
_symmetry.space_group_name_H-M   'P 32 2 1'
#
loop_
_entity.id
_entity.type
_entity.pdbx_description
1 polymer 'Ornithine aminotransferase, mitochondrial'
2 non-polymer '3-fluoro-5-[({3-hydroxy-2-methyl-5-[(phosphonooxy)methyl]pyridin-4-yl}methyl)amino]benzoic acid'
3 non-polymer GLYCEROL
4 water water
#
_entity_poly.entity_id   1
_entity_poly.type   'polypeptide(L)'
_entity_poly.pdbx_seq_one_letter_code
;GPPTSDDIFEREYKYGAHNYHPLPVALERGKGIYLWDVEGRKYFDFLSSYSAVNQGHCHPKIVNALKSQVDKLTLTSRAF
YNNVLGEYEEYITKLFNYHKVLPMNTGVEAGETACKLARKWGYTVKGIQKYKAKIVFAAGNFWGRTLSAISSSTDPTSYD
GFGPFMPGFDIIPYNDLPALERALQDPNVAAFMVEPIQGEAGVVVPDPGYLMGVRELCTRHQVLFIADEIQTGLARTGRW
LAVDYENVRPDIVLLGKALSGGLYPVSAVLCDDDIMLTIKPGEHGSTYGGNPLGCRVAIAALEVLEEENLAENADKLGII
LRNELMKLPSDVVTAVRGKGLLNAIVIKETKDWDAWKVCLRLRDNGLLAKPTHGDIIRFAPPLVIKEDELRESIEIINKT
ILSF
;
_entity_poly.pdbx_strand_id   A,B,C
#
loop_
_chem_comp.id
_chem_comp.type
_chem_comp.name
_chem_comp.formula
GOL non-polymer GLYCEROL 'C3 H8 O3'
YR5 non-polymer '3-fluoro-5-[({3-hydroxy-2-methyl-5-[(phosphonooxy)methyl]pyridin-4-yl}methyl)amino]benzoic acid' 'C15 H16 F N2 O7 P'
#
# COMPACT_ATOMS: atom_id res chain seq x y z
N GLY A 1 -4.85 -26.67 41.60
CA GLY A 1 -3.69 -27.18 40.91
C GLY A 1 -2.88 -26.08 40.22
N PRO A 2 -1.75 -26.45 39.61
CA PRO A 2 -0.90 -25.45 38.95
C PRO A 2 -1.53 -25.01 37.64
N PRO A 3 -1.33 -23.75 37.23
CA PRO A 3 -1.95 -23.32 35.96
C PRO A 3 -1.48 -24.15 34.77
N THR A 4 -2.42 -24.44 33.86
CA THR A 4 -2.10 -25.05 32.58
C THR A 4 -1.52 -23.99 31.67
N SER A 5 -1.08 -24.42 30.49
CA SER A 5 -0.57 -23.49 29.50
C SER A 5 -1.63 -22.47 29.12
N ASP A 6 -2.86 -22.93 28.85
CA ASP A 6 -3.93 -22.03 28.47
C ASP A 6 -4.23 -21.02 29.57
N ASP A 7 -4.30 -21.49 30.83
CA ASP A 7 -4.40 -20.57 31.95
C ASP A 7 -3.35 -19.50 31.89
N ILE A 8 -2.09 -19.90 31.62
CA ILE A 8 -0.98 -18.94 31.62
C ILE A 8 -1.17 -17.86 30.54
N PHE A 9 -1.59 -18.28 29.33
CA PHE A 9 -1.85 -17.33 28.24
C PHE A 9 -2.98 -16.39 28.60
N GLU A 10 -4.02 -16.92 29.22
CA GLU A 10 -5.19 -16.10 29.54
C GLU A 10 -4.86 -15.09 30.63
N ARG A 11 -4.07 -15.48 31.63
CA ARG A 11 -3.76 -14.53 32.71
C ARG A 11 -2.93 -13.35 32.18
N GLU A 12 -1.98 -13.62 31.28
CA GLU A 12 -1.22 -12.51 30.69
C GLU A 12 -2.11 -11.64 29.81
N TYR A 13 -3.07 -12.25 29.10
CA TYR A 13 -3.98 -11.49 28.27
C TYR A 13 -4.75 -10.47 29.10
N LYS A 14 -5.17 -10.87 30.33
CA LYS A 14 -5.98 -10.01 31.19
C LYS A 14 -5.14 -8.90 31.82
N TYR A 15 -3.93 -9.22 32.31
CA TYR A 15 -3.21 -8.28 33.19
C TYR A 15 -1.94 -7.70 32.60
N GLY A 16 -1.50 -8.09 31.41
CA GLY A 16 -0.30 -7.57 30.83
C GLY A 16 -0.61 -6.85 29.54
N ALA A 17 0.25 -5.88 29.19
CA ALA A 17 0.18 -5.21 27.88
C ALA A 17 0.21 -6.23 26.73
N HIS A 18 -0.36 -5.82 25.60
CA HIS A 18 -0.46 -6.69 24.43
C HIS A 18 0.63 -6.34 23.42
N ASN A 19 1.84 -6.10 23.90
CA ASN A 19 2.91 -5.70 23.00
C ASN A 19 3.62 -6.88 22.35
N TYR A 20 3.30 -8.11 22.73
CA TYR A 20 3.86 -9.28 22.07
C TYR A 20 2.74 -10.23 21.72
N HIS A 21 2.99 -11.05 20.71
CA HIS A 21 2.14 -12.18 20.37
C HIS A 21 3.06 -13.39 20.33
N PRO A 22 3.38 -13.97 21.49
CA PRO A 22 4.36 -15.07 21.51
C PRO A 22 3.79 -16.34 20.90
N LEU A 23 4.70 -17.20 20.46
CA LEU A 23 4.30 -18.56 20.12
C LEU A 23 3.65 -19.20 21.34
N PRO A 24 2.50 -19.90 21.18
CA PRO A 24 1.79 -20.47 22.34
C PRO A 24 2.46 -21.69 22.97
N VAL A 25 3.44 -21.45 23.84
CA VAL A 25 4.12 -22.46 24.65
C VAL A 25 4.53 -21.79 25.95
N ALA A 26 4.32 -22.47 27.07
CA ALA A 26 4.47 -21.84 28.40
C ALA A 26 5.55 -22.58 29.18
N LEU A 27 6.75 -22.02 29.22
CA LEU A 27 7.89 -22.71 29.81
C LEU A 27 8.04 -22.41 31.30
N GLU A 28 8.49 -23.41 32.04
CA GLU A 28 8.81 -23.21 33.44
C GLU A 28 10.20 -23.67 33.83
N ARG A 29 10.93 -24.35 32.95
CA ARG A 29 12.26 -24.82 33.30
C ARG A 29 13.15 -24.85 32.07
N GLY A 30 14.40 -24.47 32.26
CA GLY A 30 15.40 -24.53 31.21
C GLY A 30 16.72 -25.08 31.72
N LYS A 31 17.35 -25.95 30.96
CA LYS A 31 18.67 -26.44 31.34
C LYS A 31 19.43 -26.77 30.07
N GLY A 32 20.55 -26.07 29.86
CA GLY A 32 21.35 -26.28 28.66
C GLY A 32 20.55 -25.98 27.40
N ILE A 33 20.49 -26.97 26.49
CA ILE A 33 19.80 -26.77 25.22
C ILE A 33 18.30 -26.99 25.31
N TYR A 34 17.77 -27.34 26.47
CA TYR A 34 16.37 -27.74 26.56
C TYR A 34 15.49 -26.81 27.38
N LEU A 35 14.20 -26.86 27.08
CA LEU A 35 13.15 -26.16 27.81
C LEU A 35 12.00 -27.12 28.06
N TRP A 36 11.31 -26.94 29.19
CA TRP A 36 10.18 -27.76 29.61
C TRP A 36 8.97 -26.87 29.87
N ASP A 37 7.81 -27.28 29.38
CA ASP A 37 6.63 -26.47 29.63
C ASP A 37 5.88 -27.00 30.85
N VAL A 38 4.81 -26.30 31.23
CA VAL A 38 4.12 -26.65 32.46
C VAL A 38 3.41 -27.99 32.40
N GLU A 39 3.20 -28.55 31.20
CA GLU A 39 2.73 -29.92 31.09
C GLU A 39 3.85 -30.94 31.14
N GLY A 40 5.10 -30.50 31.23
CA GLY A 40 6.23 -31.40 31.30
C GLY A 40 6.83 -31.78 29.96
N ARG A 41 6.36 -31.17 28.87
CA ARG A 41 6.92 -31.42 27.55
C ARG A 41 8.31 -30.80 27.45
N LYS A 42 9.22 -31.54 26.80
CA LYS A 42 10.61 -31.15 26.61
C LYS A 42 10.83 -30.68 25.17
N TYR A 43 11.54 -29.55 25.01
CA TYR A 43 11.80 -28.96 23.69
C TYR A 43 13.27 -28.58 23.54
N PHE A 44 13.75 -28.62 22.29
CA PHE A 44 15.03 -28.01 21.95
C PHE A 44 14.81 -26.52 21.82
N ASP A 45 15.68 -25.73 22.41
CA ASP A 45 15.62 -24.28 22.26
C ASP A 45 16.42 -23.90 21.03
N PHE A 46 15.75 -23.47 19.97
CA PHE A 46 16.45 -23.00 18.77
C PHE A 46 16.30 -21.50 18.55
N LEU A 47 15.98 -20.76 19.60
CA LEU A 47 16.04 -19.30 19.64
C LEU A 47 17.13 -18.76 20.54
N SER A 48 17.42 -19.43 21.66
CA SER A 48 18.44 -19.01 22.61
C SER A 48 18.22 -17.59 23.09
N SER A 49 16.95 -17.18 23.17
CA SER A 49 16.59 -15.86 23.71
C SER A 49 17.38 -14.75 23.00
N TYR A 50 17.48 -14.89 21.65
CA TYR A 50 18.17 -13.93 20.76
C TYR A 50 19.63 -13.77 21.11
N SER A 51 20.30 -14.86 21.46
CA SER A 51 21.75 -14.99 21.74
C SER A 51 22.02 -14.87 23.25
N ALA A 52 21.03 -14.51 24.05
CA ALA A 52 21.34 -14.31 25.46
C ALA A 52 21.69 -15.61 26.17
N VAL A 53 21.16 -16.77 25.75
CA VAL A 53 21.64 -17.96 26.43
C VAL A 53 22.54 -18.78 25.49
N ASN A 54 23.57 -18.14 24.94
CA ASN A 54 24.60 -18.87 24.21
C ASN A 54 25.15 -20.04 25.02
N GLN A 55 25.33 -19.83 26.31
CA GLN A 55 25.94 -20.80 27.25
C GLN A 55 24.98 -21.89 27.70
N GLY A 56 23.77 -21.92 27.13
CA GLY A 56 22.69 -22.76 27.59
C GLY A 56 21.95 -22.16 28.78
N HIS A 57 20.71 -22.65 28.98
CA HIS A 57 19.91 -22.17 30.10
C HIS A 57 20.56 -22.57 31.42
N CYS A 58 20.61 -21.63 32.37
CA CYS A 58 21.01 -21.94 33.75
C CYS A 58 22.37 -22.64 33.83
N HIS A 59 23.38 -22.06 33.19
CA HIS A 59 24.71 -22.69 33.19
C HIS A 59 25.24 -22.74 34.62
N PRO A 60 25.66 -23.90 35.12
CA PRO A 60 25.96 -23.98 36.56
C PRO A 60 27.04 -23.01 37.02
N LYS A 61 28.08 -22.78 36.21
CA LYS A 61 29.11 -21.84 36.61
C LYS A 61 28.56 -20.43 36.73
N ILE A 62 27.67 -20.04 35.82
CA ILE A 62 27.13 -18.68 35.89
C ILE A 62 26.13 -18.56 37.05
N VAL A 63 25.31 -19.60 37.27
CA VAL A 63 24.45 -19.64 38.45
C VAL A 63 25.29 -19.53 39.73
N ASN A 64 26.38 -20.28 39.83
CA ASN A 64 27.21 -20.24 41.03
C ASN A 64 27.75 -18.85 41.31
N ALA A 65 28.13 -18.10 40.26
CA ALA A 65 28.64 -16.78 40.50
C ALA A 65 27.54 -15.89 41.04
N LEU A 66 26.32 -16.04 40.48
CA LEU A 66 25.18 -15.26 40.95
C LEU A 66 24.87 -15.58 42.42
N LYS A 67 24.82 -16.87 42.77
CA LYS A 67 24.46 -17.25 44.13
C LYS A 67 25.53 -16.84 45.13
N SER A 68 26.79 -16.85 44.72
CA SER A 68 27.86 -16.42 45.62
C SER A 68 27.82 -14.91 45.86
N GLN A 69 27.56 -14.13 44.82
CA GLN A 69 27.63 -12.69 45.00
C GLN A 69 26.37 -12.10 45.61
N VAL A 70 25.21 -12.73 45.39
CA VAL A 70 23.96 -12.21 45.95
C VAL A 70 23.97 -12.27 47.47
N ASP A 71 24.83 -13.12 48.04
CA ASP A 71 25.00 -13.15 49.49
C ASP A 71 25.92 -12.04 49.99
N LYS A 72 26.69 -11.40 49.12
CA LYS A 72 27.64 -10.40 49.59
C LYS A 72 27.13 -8.98 49.37
N LEU A 73 26.63 -8.69 48.19
CA LEU A 73 26.35 -7.31 47.81
C LEU A 73 25.77 -7.29 46.41
N THR A 74 24.67 -6.53 46.16
CA THR A 74 24.13 -6.53 44.81
C THR A 74 24.09 -5.17 44.16
N LEU A 75 23.97 -4.10 44.93
CA LEU A 75 23.82 -2.78 44.30
C LEU A 75 24.23 -1.70 45.26
N THR A 76 25.26 -0.93 44.91
CA THR A 76 25.61 0.26 45.68
C THR A 76 25.17 1.55 45.01
N SER A 77 24.87 1.48 43.71
CA SER A 77 24.80 2.64 42.81
C SER A 77 26.19 3.17 42.53
N ARG A 78 26.33 4.03 41.51
CA ARG A 78 27.65 4.56 41.19
C ARG A 78 28.00 5.78 42.01
N ALA A 79 27.20 6.11 43.04
CA ALA A 79 27.60 7.15 43.96
C ALA A 79 28.83 6.74 44.76
N PHE A 80 29.10 5.44 44.83
CA PHE A 80 30.24 4.84 45.51
C PHE A 80 30.85 3.79 44.59
N TYR A 81 32.00 3.26 45.00
CA TYR A 81 32.66 2.14 44.34
C TYR A 81 32.24 0.83 44.97
N ASN A 82 32.05 -0.19 44.13
CA ASN A 82 31.98 -1.56 44.61
C ASN A 82 33.26 -2.25 44.17
N ASN A 83 33.58 -3.40 44.78
CA ASN A 83 34.88 -3.99 44.52
C ASN A 83 34.95 -4.84 43.28
N VAL A 84 33.82 -5.16 42.66
CA VAL A 84 33.80 -6.11 41.55
C VAL A 84 34.02 -5.42 40.20
N LEU A 85 33.52 -4.18 40.04
CA LEU A 85 33.42 -3.55 38.72
C LEU A 85 34.78 -3.42 38.05
N GLY A 86 35.84 -3.04 38.80
CA GLY A 86 37.13 -2.90 38.17
C GLY A 86 37.74 -4.23 37.74
N GLU A 87 37.46 -5.29 38.49
CA GLU A 87 37.94 -6.62 38.09
C GLU A 87 37.30 -7.01 36.76
N TYR A 88 36.00 -6.76 36.63
CA TYR A 88 35.32 -7.02 35.37
C TYR A 88 35.85 -6.11 34.26
N GLU A 89 36.05 -4.82 34.56
CA GLU A 89 36.49 -3.89 33.53
C GLU A 89 37.86 -4.27 32.96
N GLU A 90 38.80 -4.59 33.84
CA GLU A 90 40.09 -5.13 33.40
C GLU A 90 39.93 -6.38 32.56
N TYR A 91 39.13 -7.34 33.01
CA TYR A 91 38.98 -8.60 32.27
C TYR A 91 38.48 -8.37 30.84
N ILE A 92 37.37 -7.62 30.69
CA ILE A 92 36.73 -7.51 29.38
C ILE A 92 37.53 -6.60 28.44
N THR A 93 38.14 -5.52 28.97
CA THR A 93 38.96 -4.68 28.09
C THR A 93 40.18 -5.44 27.56
N LYS A 94 40.84 -6.25 28.42
CA LYS A 94 41.96 -7.10 27.97
C LYS A 94 41.50 -8.14 26.96
N LEU A 95 40.32 -8.72 27.19
CA LEU A 95 39.82 -9.77 26.32
C LEU A 95 39.57 -9.25 24.92
N PHE A 96 39.03 -8.04 24.80
CA PHE A 96 38.70 -7.46 23.51
C PHE A 96 39.71 -6.44 23.00
N ASN A 97 40.73 -6.12 23.78
CA ASN A 97 41.84 -5.23 23.38
C ASN A 97 41.34 -3.81 23.06
N TYR A 98 40.55 -3.23 23.96
CA TYR A 98 40.19 -1.81 23.91
C TYR A 98 40.64 -1.19 25.23
N HIS A 99 40.85 0.11 25.24
CA HIS A 99 41.34 0.70 26.50
C HIS A 99 40.33 0.56 27.62
N LYS A 100 39.04 0.72 27.32
CA LYS A 100 38.06 0.97 28.36
C LYS A 100 36.70 0.42 27.98
N VAL A 101 35.88 0.20 29.00
CA VAL A 101 34.50 -0.19 28.82
C VAL A 101 33.60 0.75 29.62
N LEU A 102 32.41 0.99 29.10
CA LEU A 102 31.38 1.69 29.84
C LEU A 102 30.25 0.72 30.10
N PRO A 103 29.92 0.37 31.34
CA PRO A 103 28.89 -0.65 31.60
C PRO A 103 27.48 -0.08 31.63
N MET A 104 26.57 -0.79 30.97
CA MET A 104 25.15 -0.46 31.02
C MET A 104 24.37 -1.73 31.25
N ASN A 105 23.03 -1.71 31.11
CA ASN A 105 22.23 -2.90 31.43
C ASN A 105 21.66 -3.60 30.20
N THR A 106 20.91 -2.87 29.36
CA THR A 106 20.24 -3.48 28.21
C THR A 106 20.95 -3.12 26.91
N GLY A 107 20.62 -3.87 25.86
CA GLY A 107 21.30 -3.61 24.59
C GLY A 107 20.98 -2.24 24.06
N VAL A 108 19.74 -1.82 24.16
CA VAL A 108 19.44 -0.49 23.63
C VAL A 108 20.19 0.60 24.38
N GLU A 109 20.46 0.40 25.68
CA GLU A 109 21.24 1.42 26.41
C GLU A 109 22.67 1.47 25.92
N ALA A 110 23.24 0.31 25.51
CA ALA A 110 24.57 0.33 24.91
C ALA A 110 24.56 1.12 23.60
N GLY A 111 23.52 0.92 22.78
CA GLY A 111 23.37 1.71 21.56
C GLY A 111 23.24 3.20 21.85
N GLU A 112 22.38 3.56 22.81
CA GLU A 112 22.24 4.98 23.18
C GLU A 112 23.57 5.57 23.62
N THR A 113 24.32 4.81 24.42
CA THR A 113 25.62 5.25 24.87
C THR A 113 26.53 5.50 23.67
N ALA A 114 26.52 4.59 22.70
CA ALA A 114 27.40 4.75 21.55
C ALA A 114 27.01 5.99 20.75
N CYS A 115 25.71 6.27 20.60
CA CYS A 115 25.31 7.49 19.89
C CYS A 115 25.77 8.74 20.63
N LYS A 116 25.67 8.70 21.96
CA LYS A 116 26.16 9.83 22.77
C LYS A 116 27.67 9.99 22.64
N LEU A 117 28.40 8.86 22.68
CA LEU A 117 29.85 8.96 22.48
C LEU A 117 30.16 9.51 21.10
N ALA A 118 29.45 9.03 20.05
CA ALA A 118 29.76 9.48 18.71
C ALA A 118 29.51 10.98 18.58
N ARG A 119 28.38 11.44 19.10
CA ARG A 119 28.08 12.87 19.03
C ARG A 119 29.11 13.72 19.80
N LYS A 120 29.45 13.32 21.02
N LYS A 120 29.42 13.33 21.02
CA LYS A 120 30.35 14.13 21.85
CA LYS A 120 30.36 14.08 21.84
C LYS A 120 31.76 14.12 21.27
C LYS A 120 31.74 14.12 21.22
N TRP A 121 32.18 12.99 20.67
CA TRP A 121 33.44 12.99 19.96
C TRP A 121 33.37 13.85 18.70
N GLY A 122 32.23 13.82 18.01
CA GLY A 122 32.11 14.62 16.80
C GLY A 122 32.23 16.10 17.12
N TYR A 123 31.66 16.51 18.26
CA TYR A 123 31.73 17.95 18.58
C TYR A 123 33.08 18.30 19.17
N THR A 124 33.61 17.48 20.06
CA THR A 124 34.79 17.93 20.79
C THR A 124 36.09 17.56 20.10
N VAL A 125 36.13 16.47 19.35
CA VAL A 125 37.34 16.05 18.65
C VAL A 125 37.29 16.41 17.18
N LYS A 126 36.23 15.99 16.47
CA LYS A 126 36.18 16.23 15.02
C LYS A 126 35.92 17.70 14.71
N GLY A 127 35.26 18.44 15.61
CA GLY A 127 35.06 19.86 15.39
C GLY A 127 33.74 20.20 14.70
N ILE A 128 32.79 19.28 14.71
CA ILE A 128 31.48 19.55 14.15
C ILE A 128 30.82 20.63 15.00
N GLN A 129 30.09 21.55 14.35
CA GLN A 129 29.40 22.61 15.12
C GLN A 129 28.23 22.01 15.89
N LYS A 130 28.02 22.44 17.16
CA LYS A 130 26.83 21.97 17.87
C LYS A 130 25.57 22.59 17.27
N TYR A 131 24.53 21.78 16.98
CA TYR A 131 24.34 20.32 17.11
C TYR A 131 24.08 19.69 15.73
N LYS A 132 25.09 19.74 14.85
CA LYS A 132 24.92 19.30 13.48
C LYS A 132 25.43 17.87 13.25
N ALA A 133 25.80 17.14 14.30
CA ALA A 133 26.41 15.83 14.07
C ALA A 133 25.38 14.84 13.55
N LYS A 134 25.80 14.01 12.61
CA LYS A 134 24.89 13.00 12.09
C LYS A 134 25.46 11.61 12.38
N ILE A 135 24.56 10.64 12.52
CA ILE A 135 24.95 9.22 12.61
C ILE A 135 24.24 8.48 11.48
N VAL A 136 24.98 7.65 10.75
CA VAL A 136 24.42 6.86 9.64
C VAL A 136 24.14 5.44 10.14
N PHE A 137 22.99 4.87 9.73
CA PHE A 137 22.57 3.52 10.03
C PHE A 137 22.24 2.79 8.74
N ALA A 138 22.14 1.46 8.81
CA ALA A 138 21.79 0.62 7.65
C ALA A 138 20.32 0.21 7.73
N ALA A 139 19.62 0.36 6.60
CA ALA A 139 18.22 -0.08 6.54
C ALA A 139 18.14 -1.53 6.98
N GLY A 140 17.06 -1.88 7.73
CA GLY A 140 16.94 -3.21 8.32
C GLY A 140 17.46 -3.31 9.75
N ASN A 141 18.20 -2.31 10.21
CA ASN A 141 18.78 -2.37 11.55
C ASN A 141 17.69 -2.54 12.57
N PHE A 142 18.06 -3.22 13.66
CA PHE A 142 17.23 -3.21 14.85
C PHE A 142 18.17 -3.13 16.04
N TRP A 143 18.01 -2.11 16.88
CA TRP A 143 18.80 -2.11 18.10
C TRP A 143 17.97 -1.73 19.31
N GLY A 144 16.65 -1.96 19.24
CA GLY A 144 15.88 -1.79 20.46
C GLY A 144 14.68 -0.85 20.26
N ARG A 145 14.11 -0.41 21.38
CA ARG A 145 12.77 0.17 21.34
C ARG A 145 12.65 1.56 21.93
N THR A 146 13.75 2.23 22.25
CA THR A 146 13.66 3.62 22.70
C THR A 146 13.28 4.52 21.51
N LEU A 147 12.86 5.75 21.82
CA LEU A 147 12.52 6.67 20.72
C LEU A 147 13.69 6.87 19.78
N SER A 148 14.93 6.86 20.28
CA SER A 148 16.07 7.02 19.37
C SER A 148 16.24 5.77 18.49
N ALA A 149 16.11 4.58 19.09
CA ALA A 149 16.35 3.36 18.33
C ALA A 149 15.32 3.20 17.20
N ILE A 150 14.03 3.50 17.47
CA ILE A 150 13.03 3.39 16.42
C ILE A 150 13.18 4.48 15.38
N SER A 151 13.85 5.60 15.72
CA SER A 151 14.04 6.68 14.74
C SER A 151 15.02 6.29 13.65
N SER A 152 15.90 5.31 13.87
CA SER A 152 16.79 4.85 12.81
C SER A 152 16.22 3.66 12.05
N SER A 153 15.05 3.13 12.47
CA SER A 153 14.52 1.91 11.86
C SER A 153 13.79 2.24 10.56
N THR A 154 13.85 1.29 9.60
CA THR A 154 12.96 1.36 8.45
C THR A 154 11.76 0.43 8.60
N ASP A 155 11.55 -0.13 9.80
CA ASP A 155 10.46 -1.08 9.98
C ASP A 155 9.27 -0.31 10.52
N PRO A 156 8.13 -0.18 9.81
CA PRO A 156 7.01 0.58 10.38
C PRO A 156 6.49 0.02 11.70
N THR A 157 6.60 -1.29 11.94
CA THR A 157 6.19 -1.77 13.26
C THR A 157 7.01 -1.17 14.38
N SER A 158 8.25 -0.74 14.10
CA SER A 158 9.04 -0.07 15.13
C SER A 158 8.61 1.38 15.29
N TYR A 159 8.43 2.13 14.19
CA TYR A 159 8.28 3.58 14.35
C TYR A 159 6.87 4.14 14.18
N ASP A 160 5.98 3.45 13.48
CA ASP A 160 4.69 4.06 13.15
C ASP A 160 3.86 4.32 14.42
N GLY A 161 3.39 5.57 14.53
CA GLY A 161 2.60 5.98 15.69
C GLY A 161 3.40 6.50 16.86
N PHE A 162 4.73 6.61 16.76
CA PHE A 162 5.53 6.93 17.94
C PHE A 162 6.38 8.15 17.73
N GLY A 163 6.25 8.84 16.58
CA GLY A 163 7.03 10.06 16.39
C GLY A 163 6.46 11.26 17.16
N PRO A 164 7.10 12.43 17.00
CA PRO A 164 8.16 12.74 16.02
C PRO A 164 9.48 12.14 16.40
N PHE A 165 10.40 12.12 15.46
CA PHE A 165 11.59 11.26 15.53
C PHE A 165 12.85 12.09 15.77
N MET A 166 13.85 11.40 16.25
CA MET A 166 15.16 11.97 16.55
C MET A 166 15.81 12.47 15.27
N PRO A 167 16.23 13.73 15.22
CA PRO A 167 16.96 14.24 14.07
C PRO A 167 18.41 13.78 14.09
N GLY A 168 19.02 13.87 12.91
CA GLY A 168 20.44 13.59 12.84
C GLY A 168 20.75 12.15 12.57
N PHE A 169 19.74 11.35 12.21
CA PHE A 169 19.93 9.93 11.91
C PHE A 169 19.65 9.71 10.44
N ASP A 170 20.66 9.29 9.68
CA ASP A 170 20.51 9.05 8.24
C ASP A 170 20.56 7.56 7.97
N ILE A 171 19.87 7.11 6.92
CA ILE A 171 19.76 5.67 6.69
C ILE A 171 20.23 5.38 5.27
N ILE A 172 21.07 4.35 5.10
CA ILE A 172 21.52 3.88 3.78
C ILE A 172 21.25 2.38 3.70
N PRO A 173 21.25 1.81 2.49
CA PRO A 173 21.13 0.34 2.39
C PRO A 173 22.24 -0.41 3.12
N TYR A 174 21.89 -1.59 3.64
CA TYR A 174 22.89 -2.51 4.15
C TYR A 174 23.72 -3.08 3.01
N ASN A 175 24.92 -3.56 3.35
CA ASN A 175 25.73 -4.35 2.41
C ASN A 175 25.99 -3.56 1.13
N ASP A 176 26.25 -2.24 1.28
CA ASP A 176 26.35 -1.31 0.13
C ASP A 176 27.47 -0.31 0.40
N LEU A 177 28.67 -0.67 -0.08
CA LEU A 177 29.79 0.24 0.13
C LEU A 177 29.69 1.53 -0.67
N PRO A 178 29.26 1.53 -1.94
CA PRO A 178 29.09 2.83 -2.60
C PRO A 178 28.15 3.74 -1.87
N ALA A 179 27.11 3.21 -1.24
CA ALA A 179 26.18 4.10 -0.57
C ALA A 179 26.79 4.69 0.70
N LEU A 180 27.62 3.90 1.40
CA LEU A 180 28.33 4.42 2.54
C LEU A 180 29.33 5.48 2.12
N GLU A 181 30.09 5.21 1.04
CA GLU A 181 31.03 6.20 0.56
C GLU A 181 30.32 7.50 0.22
N ARG A 182 29.14 7.40 -0.39
CA ARG A 182 28.39 8.62 -0.69
C ARG A 182 27.92 9.31 0.59
N ALA A 183 27.43 8.56 1.61
CA ALA A 183 26.98 9.20 2.85
C ALA A 183 28.12 9.87 3.59
N LEU A 184 29.33 9.32 3.56
CA LEU A 184 30.41 9.90 4.37
C LEU A 184 31.06 11.15 3.73
N GLN A 185 30.53 11.65 2.60
CA GLN A 185 31.05 12.91 2.06
C GLN A 185 30.69 14.11 2.92
N ASP A 186 29.67 13.99 3.77
CA ASP A 186 29.24 15.07 4.62
C ASP A 186 30.15 15.13 5.84
N PRO A 187 30.94 16.19 6.06
CA PRO A 187 31.86 16.17 7.20
C PRO A 187 31.15 16.27 8.51
N ASN A 188 29.84 16.50 8.50
CA ASN A 188 29.11 16.50 9.79
C ASN A 188 28.70 15.08 10.25
N VAL A 189 28.99 14.05 9.46
CA VAL A 189 28.77 12.69 9.93
C VAL A 189 29.80 12.33 10.99
N ALA A 190 29.32 11.87 12.14
CA ALA A 190 30.24 11.49 13.19
C ALA A 190 30.50 9.98 13.24
N ALA A 191 29.53 9.17 12.81
CA ALA A 191 29.69 7.72 12.96
C ALA A 191 28.74 7.00 12.03
N PHE A 192 29.09 5.72 11.81
CA PHE A 192 28.26 4.73 11.13
C PHE A 192 28.06 3.54 12.09
N MET A 193 26.81 3.22 12.43
CA MET A 193 26.44 2.08 13.25
C MET A 193 25.90 0.98 12.39
N VAL A 194 26.38 -0.25 12.61
CA VAL A 194 26.01 -1.32 11.71
C VAL A 194 26.17 -2.64 12.45
N GLU A 195 25.24 -3.58 12.16
CA GLU A 195 25.35 -4.97 12.64
C GLU A 195 26.18 -5.78 11.65
N PRO A 196 27.16 -6.59 12.11
CA PRO A 196 28.01 -7.36 11.17
C PRO A 196 27.23 -8.41 10.41
N ILE A 197 26.13 -8.85 10.99
CA ILE A 197 25.10 -9.66 10.38
C ILE A 197 23.82 -9.09 10.98
N GLN A 198 22.85 -8.76 10.13
CA GLN A 198 21.61 -8.18 10.59
C GLN A 198 20.71 -9.27 11.12
N GLY A 199 20.37 -9.16 12.40
CA GLY A 199 19.60 -10.19 13.08
C GLY A 199 18.12 -10.12 12.73
N GLU A 200 17.41 -9.08 13.19
CA GLU A 200 15.97 -9.03 12.98
C GLU A 200 15.58 -8.72 11.54
N ALA A 201 16.51 -8.28 10.69
CA ALA A 201 16.21 -8.19 9.28
C ALA A 201 16.04 -9.56 8.63
N GLY A 202 16.43 -10.62 9.35
CA GLY A 202 16.35 -11.97 8.84
C GLY A 202 17.65 -12.73 8.64
N VAL A 203 18.63 -12.52 9.54
CA VAL A 203 19.96 -13.10 9.42
C VAL A 203 20.54 -12.74 8.05
N VAL A 204 20.73 -11.45 7.84
CA VAL A 204 21.24 -10.96 6.57
C VAL A 204 22.75 -10.84 6.70
N VAL A 205 23.45 -11.73 6.02
CA VAL A 205 24.91 -11.77 6.02
C VAL A 205 25.42 -10.91 4.85
N PRO A 206 26.22 -9.89 5.10
CA PRO A 206 26.73 -9.07 4.01
C PRO A 206 27.81 -9.83 3.23
N ASP A 207 28.15 -9.28 2.08
CA ASP A 207 29.08 -9.96 1.21
C ASP A 207 30.47 -9.93 1.84
N PRO A 208 31.28 -10.95 1.60
CA PRO A 208 32.70 -10.88 1.95
C PRO A 208 33.32 -9.56 1.53
N GLY A 209 34.13 -8.98 2.43
CA GLY A 209 34.76 -7.71 2.19
C GLY A 209 33.96 -6.50 2.64
N TYR A 210 32.67 -6.67 2.99
CA TYR A 210 31.89 -5.52 3.42
C TYR A 210 32.49 -4.90 4.67
N LEU A 211 32.78 -5.72 5.68
CA LEU A 211 33.24 -5.15 6.95
C LEU A 211 34.60 -4.48 6.78
N MET A 212 35.50 -5.08 5.98
CA MET A 212 36.76 -4.39 5.70
C MET A 212 36.53 -3.07 4.97
N GLY A 213 35.60 -3.07 4.00
CA GLY A 213 35.33 -1.84 3.26
C GLY A 213 34.71 -0.75 4.15
N VAL A 214 33.87 -1.16 5.11
CA VAL A 214 33.32 -0.21 6.07
C VAL A 214 34.45 0.42 6.89
N ARG A 215 35.35 -0.43 7.39
CA ARG A 215 36.47 0.07 8.18
C ARG A 215 37.32 1.06 7.37
N GLU A 216 37.61 0.71 6.11
CA GLU A 216 38.46 1.56 5.29
C GLU A 216 37.78 2.90 5.03
N LEU A 217 36.47 2.89 4.71
CA LEU A 217 35.80 4.15 4.42
C LEU A 217 35.67 5.03 5.66
N CYS A 218 35.38 4.41 6.83
CA CYS A 218 35.25 5.21 8.05
C CYS A 218 36.57 5.88 8.38
N THR A 219 37.69 5.16 8.23
CA THR A 219 39.01 5.71 8.54
C THR A 219 39.34 6.85 7.59
N ARG A 220 39.09 6.62 6.31
CA ARG A 220 39.36 7.60 5.27
C ARG A 220 38.64 8.92 5.54
N HIS A 221 37.39 8.86 5.99
CA HIS A 221 36.59 10.10 6.14
C HIS A 221 36.46 10.56 7.59
N GLN A 222 37.26 9.99 8.50
CA GLN A 222 37.27 10.41 9.89
C GLN A 222 35.90 10.25 10.56
N VAL A 223 35.35 9.04 10.47
CA VAL A 223 34.02 8.69 10.99
C VAL A 223 34.22 7.49 11.91
N LEU A 224 33.50 7.46 13.02
CA LEU A 224 33.61 6.30 13.90
C LEU A 224 32.82 5.12 13.37
N PHE A 225 33.45 3.95 13.37
CA PHE A 225 32.77 2.69 13.01
C PHE A 225 32.24 2.05 14.30
N ILE A 226 30.92 2.09 14.49
CA ILE A 226 30.26 1.40 15.63
C ILE A 226 29.74 0.05 15.17
N ALA A 227 30.24 -1.05 15.78
CA ALA A 227 29.79 -2.41 15.40
C ALA A 227 28.84 -2.90 16.49
N ASP A 228 27.56 -3.08 16.14
CA ASP A 228 26.61 -3.57 17.11
C ASP A 228 26.73 -5.10 17.10
N GLU A 229 27.44 -5.65 18.10
CA GLU A 229 27.62 -7.12 18.24
C GLU A 229 26.79 -7.66 19.39
N ILE A 230 25.66 -7.02 19.67
CA ILE A 230 24.85 -7.44 20.80
C ILE A 230 24.23 -8.83 20.52
N GLN A 231 23.93 -9.14 19.26
CA GLN A 231 23.47 -10.48 18.93
C GLN A 231 24.56 -11.33 18.34
N THR A 232 25.43 -10.73 17.49
CA THR A 232 26.46 -11.51 16.80
C THR A 232 27.71 -11.80 17.64
N GLY A 233 27.97 -11.02 18.70
CA GLY A 233 29.19 -11.20 19.45
C GLY A 233 29.15 -12.43 20.35
N LEU A 234 30.27 -12.64 21.05
CA LEU A 234 30.34 -13.64 22.13
C LEU A 234 30.05 -15.04 21.63
N ALA A 235 30.72 -15.39 20.53
CA ALA A 235 30.93 -16.73 19.99
C ALA A 235 29.79 -17.22 19.10
N ARG A 236 28.65 -16.50 19.07
CA ARG A 236 27.44 -16.99 18.37
C ARG A 236 27.72 -17.25 16.88
N THR A 237 28.55 -16.45 16.24
CA THR A 237 28.87 -16.70 14.83
C THR A 237 30.12 -17.55 14.58
N GLY A 238 30.78 -18.07 15.61
CA GLY A 238 31.97 -18.86 15.41
C GLY A 238 33.28 -18.13 15.55
N ARG A 239 33.25 -16.86 16.01
CA ARG A 239 34.42 -16.12 16.49
C ARG A 239 34.00 -15.35 17.73
N TRP A 240 34.97 -14.77 18.46
CA TRP A 240 34.62 -13.89 19.58
C TRP A 240 33.70 -12.76 19.12
N LEU A 241 34.02 -12.14 18.00
CA LEU A 241 33.17 -11.11 17.38
C LEU A 241 32.97 -11.45 15.91
N ALA A 242 31.80 -11.15 15.37
CA ALA A 242 31.63 -11.45 13.94
C ALA A 242 32.62 -10.66 13.07
N VAL A 243 33.03 -9.46 13.53
CA VAL A 243 34.05 -8.71 12.78
C VAL A 243 35.40 -9.41 12.76
N ASP A 244 35.64 -10.42 13.62
CA ASP A 244 36.93 -11.10 13.58
C ASP A 244 37.12 -11.86 12.26
N TYR A 245 36.05 -12.20 11.56
CA TYR A 245 36.19 -13.01 10.34
C TYR A 245 36.95 -12.24 9.26
N GLU A 246 36.93 -10.90 9.30
CA GLU A 246 37.73 -10.09 8.38
C GLU A 246 38.81 -9.30 9.09
N ASN A 247 39.16 -9.68 10.32
CA ASN A 247 40.22 -9.04 11.11
C ASN A 247 40.02 -7.54 11.20
N VAL A 248 38.78 -7.12 11.39
CA VAL A 248 38.38 -5.72 11.40
C VAL A 248 38.24 -5.24 12.83
N ARG A 249 38.80 -4.07 13.12
CA ARG A 249 38.69 -3.44 14.44
C ARG A 249 37.76 -2.23 14.40
N PRO A 250 36.54 -2.33 14.86
CA PRO A 250 35.69 -1.14 14.98
C PRO A 250 36.24 -0.14 15.99
N ASP A 251 35.75 1.09 15.87
CA ASP A 251 36.07 2.09 16.91
C ASP A 251 35.28 1.88 18.19
N ILE A 252 34.02 1.49 18.06
CA ILE A 252 33.18 1.20 19.21
C ILE A 252 32.55 -0.18 18.99
N VAL A 253 32.60 -1.05 20.01
CA VAL A 253 31.99 -2.39 19.96
C VAL A 253 30.90 -2.45 21.04
N LEU A 254 29.69 -2.87 20.64
CA LEU A 254 28.57 -3.05 21.57
C LEU A 254 28.34 -4.53 21.86
N LEU A 255 28.28 -4.87 23.16
CA LEU A 255 27.98 -6.22 23.59
C LEU A 255 26.76 -6.19 24.52
N GLY A 256 26.10 -7.32 24.62
CA GLY A 256 24.94 -7.48 25.50
C GLY A 256 24.55 -8.95 25.50
N LYS A 257 23.28 -9.22 25.79
CA LYS A 257 22.68 -10.54 25.70
CA LYS A 257 22.69 -10.55 25.69
C LYS A 257 23.53 -11.64 26.34
N ALA A 258 24.34 -12.36 25.57
CA ALA A 258 25.10 -13.48 26.11
C ALA A 258 26.13 -13.07 27.16
N LEU A 259 26.39 -11.78 27.30
CA LEU A 259 27.31 -11.26 28.28
C LEU A 259 26.98 -11.74 29.69
N SER A 260 25.73 -12.14 29.93
CA SER A 260 25.27 -12.61 31.24
C SER A 260 24.82 -14.05 31.26
N GLY A 261 24.85 -14.72 30.11
CA GLY A 261 24.29 -16.04 30.00
C GLY A 261 22.80 -16.09 30.27
N GLY A 262 22.13 -14.94 30.18
CA GLY A 262 20.71 -14.85 30.41
C GLY A 262 20.30 -14.69 31.87
N LEU A 263 21.26 -14.59 32.79
CA LEU A 263 20.93 -14.49 34.22
C LEU A 263 20.72 -13.05 34.70
N TYR A 264 21.02 -12.04 33.87
CA TYR A 264 21.02 -10.64 34.35
C TYR A 264 21.14 -9.71 33.15
N PRO A 265 20.45 -8.57 33.04
CA PRO A 265 20.69 -7.69 31.87
C PRO A 265 22.00 -6.92 32.05
N VAL A 266 23.01 -7.30 31.27
CA VAL A 266 24.32 -6.65 31.29
C VAL A 266 24.69 -6.29 29.86
N SER A 267 25.13 -5.03 29.64
CA SER A 267 25.59 -4.66 28.32
C SER A 267 26.88 -3.87 28.46
N ALA A 268 27.56 -3.65 27.32
CA ALA A 268 28.90 -3.08 27.41
C ALA A 268 29.21 -2.30 26.15
N VAL A 269 29.93 -1.20 26.35
CA VAL A 269 30.39 -0.38 25.26
C VAL A 269 31.91 -0.29 25.35
N LEU A 270 32.60 -0.81 24.33
CA LEU A 270 34.07 -0.84 24.32
C LEU A 270 34.63 0.19 23.35
N CYS A 271 35.61 0.96 23.80
CA CYS A 271 36.37 1.79 22.86
C CYS A 271 37.62 2.32 23.55
N ASP A 272 38.47 2.99 22.75
CA ASP A 272 39.72 3.52 23.27
C ASP A 272 39.49 4.88 23.93
N ASP A 273 40.55 5.36 24.62
CA ASP A 273 40.46 6.59 25.42
C ASP A 273 40.09 7.81 24.60
N ASP A 274 40.58 7.89 23.35
CA ASP A 274 40.29 9.12 22.61
C ASP A 274 38.81 9.28 22.36
N ILE A 275 38.05 8.19 22.40
CA ILE A 275 36.58 8.26 22.27
C ILE A 275 35.92 8.22 23.63
N MET A 276 36.32 7.29 24.47
CA MET A 276 35.62 7.12 25.74
C MET A 276 35.65 8.39 26.57
N LEU A 277 36.80 9.05 26.64
CA LEU A 277 36.98 10.11 27.60
C LEU A 277 36.39 11.42 27.12
N THR A 278 35.65 11.41 26.01
CA THR A 278 34.91 12.62 25.68
C THR A 278 33.73 12.81 26.61
N ILE A 279 33.30 11.75 27.29
CA ILE A 279 32.25 11.84 28.33
C ILE A 279 32.91 12.05 29.68
N LYS A 280 32.56 13.13 30.34
CA LYS A 280 33.21 13.52 31.58
C LYS A 280 32.36 13.09 32.78
N PRO A 281 32.91 13.15 34.00
CA PRO A 281 32.12 12.73 35.16
C PRO A 281 30.79 13.48 35.28
N GLY A 282 29.74 12.72 35.52
CA GLY A 282 28.43 13.34 35.72
C GLY A 282 27.60 13.47 34.45
N GLU A 283 28.11 13.00 33.31
CA GLU A 283 27.46 13.23 32.01
C GLU A 283 26.80 11.96 31.45
N HIS A 284 26.94 10.82 32.11
CA HIS A 284 26.29 9.64 31.54
C HIS A 284 26.31 8.54 32.58
N GLY A 285 25.37 7.64 32.45
CA GLY A 285 25.36 6.45 33.31
C GLY A 285 23.98 5.85 33.40
N SER A 286 23.73 5.19 34.53
CA SER A 286 22.61 4.30 34.72
C SER A 286 22.59 3.86 36.19
N THR A 287 21.40 3.75 36.79
CA THR A 287 21.35 3.25 38.16
C THR A 287 22.03 1.89 38.31
N TYR A 288 21.67 0.92 37.46
CA TYR A 288 22.15 -0.44 37.66
C TYR A 288 23.43 -0.74 36.90
N GLY A 289 23.86 0.18 35.99
CA GLY A 289 25.08 -0.07 35.21
C GLY A 289 26.29 -0.36 36.08
N GLY A 290 26.98 -1.50 35.85
CA GLY A 290 28.20 -1.81 36.56
C GLY A 290 28.01 -2.26 37.98
N ASN A 291 26.79 -2.66 38.35
CA ASN A 291 26.55 -3.18 39.70
C ASN A 291 27.29 -4.50 39.91
N PRO A 292 27.66 -4.80 41.14
CA PRO A 292 28.56 -5.94 41.38
C PRO A 292 27.96 -7.30 41.07
N LEU A 293 26.64 -7.46 41.19
CA LEU A 293 26.03 -8.75 40.88
C LEU A 293 26.11 -9.06 39.38
N GLY A 294 25.68 -8.11 38.53
CA GLY A 294 25.82 -8.28 37.07
C GLY A 294 27.26 -8.50 36.64
N CYS A 295 28.20 -7.82 37.30
CA CYS A 295 29.60 -7.98 36.94
C CYS A 295 30.10 -9.38 37.26
N ARG A 296 29.81 -9.92 38.46
CA ARG A 296 30.22 -11.32 38.74
C ARG A 296 29.64 -12.28 37.72
N VAL A 297 28.38 -12.04 37.32
CA VAL A 297 27.72 -12.91 36.36
C VAL A 297 28.42 -12.80 35.02
N ALA A 298 28.75 -11.57 34.61
CA ALA A 298 29.39 -11.35 33.30
C ALA A 298 30.78 -11.95 33.24
N ILE A 299 31.57 -11.84 34.30
CA ILE A 299 32.87 -12.49 34.33
C ILE A 299 32.73 -13.99 34.09
N ALA A 300 31.81 -14.63 34.83
CA ALA A 300 31.60 -16.07 34.69
C ALA A 300 31.10 -16.42 33.29
N ALA A 301 30.18 -15.62 32.77
CA ALA A 301 29.64 -15.88 31.44
C ALA A 301 30.74 -15.80 30.39
N LEU A 302 31.66 -14.84 30.54
CA LEU A 302 32.73 -14.72 29.57
C LEU A 302 33.70 -15.87 29.70
N GLU A 303 34.00 -16.24 30.96
CA GLU A 303 34.88 -17.38 31.20
C GLU A 303 34.33 -18.67 30.58
N VAL A 304 33.01 -18.87 30.66
CA VAL A 304 32.43 -20.08 30.09
C VAL A 304 32.68 -20.15 28.59
N LEU A 305 32.46 -19.04 27.89
CA LEU A 305 32.66 -19.04 26.45
C LEU A 305 34.10 -19.35 26.09
N GLU A 306 35.04 -18.85 26.90
CA GLU A 306 36.45 -19.12 26.62
C GLU A 306 36.80 -20.57 26.96
N GLU A 307 36.52 -21.00 28.20
CA GLU A 307 36.98 -22.31 28.67
C GLU A 307 36.38 -23.44 27.86
N GLU A 308 35.16 -23.28 27.40
CA GLU A 308 34.48 -24.35 26.68
C GLU A 308 34.62 -24.26 25.17
N ASN A 309 35.37 -23.28 24.65
CA ASN A 309 35.68 -23.21 23.23
C ASN A 309 34.40 -23.18 22.41
N LEU A 310 33.47 -22.34 22.86
CA LEU A 310 32.15 -22.32 22.25
C LEU A 310 32.16 -21.68 20.86
N ALA A 311 33.11 -20.78 20.58
CA ALA A 311 33.17 -20.24 19.23
C ALA A 311 33.57 -21.32 18.23
N GLU A 312 34.56 -22.15 18.59
CA GLU A 312 34.96 -23.26 17.73
C GLU A 312 33.80 -24.22 17.54
N ASN A 313 33.05 -24.50 18.62
CA ASN A 313 31.92 -25.41 18.51
C ASN A 313 30.84 -24.81 17.61
N ALA A 314 30.58 -23.49 17.77
CA ALA A 314 29.56 -22.84 16.93
C ALA A 314 29.93 -22.90 15.46
N ASP A 315 31.20 -22.64 15.14
CA ASP A 315 31.66 -22.72 13.76
C ASP A 315 31.48 -24.11 13.19
N LYS A 316 32.02 -25.14 13.87
CA LYS A 316 31.97 -26.49 13.32
C LYS A 316 30.55 -27.00 13.18
N LEU A 317 29.68 -26.72 14.16
CA LEU A 317 28.33 -27.22 14.12
C LEU A 317 27.44 -26.39 13.23
N GLY A 318 27.75 -25.09 13.05
CA GLY A 318 27.00 -24.28 12.10
C GLY A 318 27.13 -24.80 10.68
N ILE A 319 28.30 -25.34 10.35
CA ILE A 319 28.52 -25.81 8.99
C ILE A 319 27.69 -27.07 8.76
N ILE A 320 27.62 -27.94 9.78
CA ILE A 320 26.74 -29.09 9.71
C ILE A 320 25.29 -28.65 9.56
N LEU A 321 24.88 -27.65 10.33
CA LEU A 321 23.48 -27.26 10.28
C LEU A 321 23.09 -26.70 8.91
N ARG A 322 23.91 -25.81 8.36
CA ARG A 322 23.53 -25.21 7.10
C ARG A 322 23.60 -26.27 6.00
N ASN A 323 24.56 -27.18 6.10
CA ASN A 323 24.70 -28.18 5.05
C ASN A 323 23.49 -29.11 5.04
N GLU A 324 22.99 -29.46 6.22
CA GLU A 324 21.85 -30.37 6.28
C GLU A 324 20.58 -29.64 5.90
N LEU A 325 20.45 -28.37 6.32
CA LEU A 325 19.26 -27.63 5.96
C LEU A 325 19.18 -27.41 4.46
N MET A 326 20.31 -27.30 3.77
CA MET A 326 20.28 -27.10 2.33
C MET A 326 19.79 -28.33 1.56
N LYS A 327 19.61 -29.47 2.22
CA LYS A 327 19.09 -30.62 1.50
C LYS A 327 17.56 -30.58 1.32
N LEU A 328 16.86 -29.70 2.04
CA LEU A 328 15.42 -29.62 1.88
C LEU A 328 15.07 -29.13 0.48
N PRO A 329 13.94 -29.57 -0.09
CA PRO A 329 13.61 -29.18 -1.46
C PRO A 329 13.54 -27.67 -1.66
N SER A 330 14.12 -27.23 -2.80
CA SER A 330 14.23 -25.82 -3.13
C SER A 330 12.88 -25.16 -3.32
N ASP A 331 11.86 -25.94 -3.66
CA ASP A 331 10.55 -25.39 -3.88
C ASP A 331 9.85 -25.04 -2.57
N VAL A 332 10.35 -25.53 -1.44
CA VAL A 332 9.77 -25.23 -0.14
C VAL A 332 10.69 -24.35 0.71
N VAL A 333 11.99 -24.63 0.72
CA VAL A 333 12.97 -23.81 1.43
C VAL A 333 13.82 -23.15 0.37
N THR A 334 13.70 -21.81 0.22
CA THR A 334 14.30 -21.12 -0.92
C THR A 334 15.68 -20.54 -0.61
N ALA A 335 16.09 -20.50 0.65
CA ALA A 335 17.37 -19.93 1.06
C ALA A 335 17.75 -20.51 2.42
N VAL A 336 19.04 -20.74 2.61
CA VAL A 336 19.63 -21.05 3.91
C VAL A 336 20.76 -20.07 4.15
N ARG A 337 20.77 -19.40 5.31
CA ARG A 337 21.84 -18.45 5.48
C ARG A 337 22.26 -18.35 6.93
N GLY A 338 23.45 -17.83 7.13
CA GLY A 338 23.97 -17.70 8.49
C GLY A 338 25.47 -17.88 8.55
N LYS A 339 25.99 -17.65 9.78
CA LYS A 339 27.37 -17.95 10.13
C LYS A 339 27.35 -18.55 11.54
N GLY A 340 28.23 -19.52 11.78
CA GLY A 340 28.22 -20.16 13.08
C GLY A 340 26.83 -20.68 13.38
N LEU A 341 26.35 -20.44 14.61
CA LEU A 341 25.03 -20.92 15.02
C LEU A 341 23.99 -19.80 15.01
N LEU A 342 24.16 -18.80 14.12
CA LEU A 342 23.14 -17.80 13.82
C LEU A 342 22.70 -18.08 12.39
N ASN A 343 21.56 -18.74 12.22
CA ASN A 343 21.12 -19.15 10.89
C ASN A 343 19.63 -18.90 10.72
N ALA A 344 19.17 -18.98 9.47
CA ALA A 344 17.76 -18.82 9.12
C ALA A 344 17.45 -19.59 7.83
N ILE A 345 16.22 -20.04 7.71
CA ILE A 345 15.73 -20.52 6.43
C ILE A 345 14.66 -19.55 5.94
N VAL A 346 14.51 -19.48 4.63
CA VAL A 346 13.42 -18.78 3.98
C VAL A 346 12.50 -19.83 3.38
N ILE A 347 11.21 -19.65 3.60
CA ILE A 347 10.10 -20.51 3.19
C ILE A 347 9.36 -19.97 1.97
N LYS A 348 8.86 -20.87 1.13
CA LYS A 348 8.02 -20.40 0.02
C LYS A 348 6.61 -20.18 0.57
N GLU A 349 6.41 -19.03 1.18
CA GLU A 349 5.11 -18.65 1.73
C GLU A 349 4.02 -18.67 0.67
N THR A 350 2.85 -19.18 1.05
CA THR A 350 1.68 -19.26 0.20
C THR A 350 0.52 -18.51 0.87
N LYS A 351 -0.66 -18.65 0.27
CA LYS A 351 -1.88 -18.10 0.87
C LYS A 351 -2.10 -18.66 2.27
N ASP A 352 -1.85 -19.96 2.45
CA ASP A 352 -2.21 -20.67 3.66
C ASP A 352 -1.01 -21.06 4.52
N TRP A 353 0.15 -21.29 3.92
CA TRP A 353 1.29 -21.85 4.63
C TRP A 353 2.34 -20.78 4.87
N ASP A 354 2.75 -20.63 6.13
CA ASP A 354 3.64 -19.53 6.50
C ASP A 354 4.58 -19.96 7.62
N ALA A 355 5.48 -19.06 7.95
CA ALA A 355 6.48 -19.29 8.98
C ALA A 355 5.84 -19.57 10.34
N TRP A 356 4.73 -18.89 10.64
CA TRP A 356 4.04 -19.12 11.91
C TRP A 356 3.55 -20.56 12.01
N LYS A 357 2.91 -21.07 10.94
CA LYS A 357 2.42 -22.45 10.96
C LYS A 357 3.56 -23.45 11.08
N VAL A 358 4.68 -23.20 10.39
CA VAL A 358 5.81 -24.10 10.54
C VAL A 358 6.27 -24.12 12.00
N CYS A 359 6.34 -22.93 12.63
CA CYS A 359 6.85 -22.92 13.99
C CYS A 359 5.87 -23.55 14.96
N LEU A 360 4.56 -23.44 14.73
CA LEU A 360 3.62 -24.17 15.55
C LEU A 360 3.89 -25.66 15.48
N ARG A 361 4.16 -26.15 14.28
CA ARG A 361 4.32 -27.60 14.14
C ARG A 361 5.69 -28.04 14.65
N LEU A 362 6.71 -27.19 14.50
CA LEU A 362 7.99 -27.48 15.12
C LEU A 362 7.82 -27.66 16.61
N ARG A 363 7.00 -26.79 17.23
CA ARG A 363 6.74 -26.90 18.66
C ARG A 363 6.06 -28.25 18.96
N ASP A 364 5.07 -28.62 18.15
CA ASP A 364 4.41 -29.92 18.32
C ASP A 364 5.43 -31.05 18.32
N ASN A 365 6.44 -30.96 17.44
CA ASN A 365 7.47 -31.99 17.34
C ASN A 365 8.69 -31.78 18.23
N GLY A 366 8.61 -30.91 19.22
CA GLY A 366 9.68 -30.83 20.20
C GLY A 366 10.76 -29.80 19.94
N LEU A 367 10.54 -28.82 19.06
CA LEU A 367 11.55 -27.80 18.80
C LEU A 367 10.93 -26.41 18.80
N LEU A 368 11.57 -25.47 19.49
CA LEU A 368 11.09 -24.09 19.63
C LEU A 368 11.93 -23.12 18.78
N ALA A 369 11.26 -22.46 17.84
CA ALA A 369 11.91 -21.50 16.95
C ALA A 369 10.94 -20.36 16.70
N LYS A 370 11.48 -19.22 16.24
CA LYS A 370 10.60 -18.09 16.08
C LYS A 370 10.59 -17.61 14.64
N PRO A 371 9.41 -17.31 14.09
CA PRO A 371 9.35 -16.73 12.75
C PRO A 371 9.63 -15.24 12.76
N THR A 372 10.12 -14.78 11.63
CA THR A 372 9.94 -13.39 11.30
C THR A 372 9.57 -13.25 9.82
N HIS A 373 8.91 -12.14 9.50
CA HIS A 373 8.52 -11.75 8.14
C HIS A 373 7.48 -12.65 7.47
N GLY A 374 7.13 -13.78 8.08
CA GLY A 374 6.15 -14.68 7.48
C GLY A 374 6.75 -15.74 6.59
N ASP A 375 7.95 -15.52 6.10
CA ASP A 375 8.66 -16.54 5.37
C ASP A 375 10.04 -16.81 5.93
N ILE A 376 10.42 -16.21 7.07
CA ILE A 376 11.76 -16.42 7.64
C ILE A 376 11.66 -17.09 9.01
N ILE A 377 12.43 -18.16 9.20
CA ILE A 377 12.54 -18.84 10.47
C ILE A 377 13.99 -18.87 10.93
N ARG A 378 14.22 -18.31 12.13
CA ARG A 378 15.51 -18.36 12.80
C ARG A 378 15.81 -19.73 13.40
N PHE A 379 17.06 -20.17 13.23
CA PHE A 379 17.56 -21.39 13.86
C PHE A 379 18.86 -21.04 14.55
N ALA A 380 18.80 -20.94 15.89
CA ALA A 380 19.94 -20.47 16.69
C ALA A 380 19.91 -21.17 18.04
N PRO A 381 20.42 -22.40 18.12
CA PRO A 381 20.40 -23.15 19.42
C PRO A 381 21.57 -22.72 20.31
N PRO A 382 21.54 -23.03 21.61
CA PRO A 382 22.68 -22.68 22.46
C PRO A 382 23.96 -23.38 21.99
N LEU A 383 25.08 -22.69 22.19
CA LEU A 383 26.38 -23.07 21.62
C LEU A 383 27.01 -24.25 22.34
N VAL A 384 26.43 -24.65 23.49
CA VAL A 384 26.84 -25.87 24.19
C VAL A 384 26.24 -27.12 23.58
N ILE A 385 25.43 -26.98 22.52
CA ILE A 385 24.81 -28.14 21.91
C ILE A 385 25.91 -29.03 21.32
N LYS A 386 25.67 -30.34 21.33
CA LYS A 386 26.59 -31.32 20.77
C LYS A 386 26.12 -31.77 19.39
N GLU A 387 27.02 -32.41 18.64
CA GLU A 387 26.64 -32.84 17.31
C GLU A 387 25.47 -33.83 17.33
N ASP A 388 25.51 -34.81 18.23
CA ASP A 388 24.40 -35.76 18.31
C ASP A 388 23.07 -35.07 18.55
N GLU A 389 23.05 -34.14 19.52
CA GLU A 389 21.86 -33.33 19.79
C GLU A 389 21.48 -32.48 18.58
N LEU A 390 22.47 -31.88 17.93
CA LEU A 390 22.20 -31.09 16.73
C LEU A 390 21.53 -31.94 15.66
N ARG A 391 22.02 -33.15 15.44
CA ARG A 391 21.47 -33.97 14.38
C ARG A 391 20.04 -34.43 14.68
N GLU A 392 19.75 -34.71 15.95
CA GLU A 392 18.36 -34.98 16.35
C GLU A 392 17.44 -33.79 16.09
N SER A 393 17.92 -32.58 16.43
CA SER A 393 17.16 -31.37 16.10
C SER A 393 16.90 -31.24 14.60
N ILE A 394 17.93 -31.46 13.78
CA ILE A 394 17.73 -31.35 12.34
C ILE A 394 16.66 -32.34 11.87
N GLU A 395 16.66 -33.54 12.43
CA GLU A 395 15.63 -34.51 12.11
C GLU A 395 14.23 -34.01 12.49
N ILE A 396 14.09 -33.31 13.62
CA ILE A 396 12.82 -32.64 13.92
C ILE A 396 12.48 -31.61 12.84
N ILE A 397 13.47 -30.83 12.39
CA ILE A 397 13.18 -29.81 11.38
C ILE A 397 12.76 -30.47 10.07
N ASN A 398 13.52 -31.48 9.63
CA ASN A 398 13.15 -32.21 8.42
C ASN A 398 11.74 -32.80 8.52
N LYS A 399 11.48 -33.51 9.62
CA LYS A 399 10.18 -34.12 9.82
C LYS A 399 9.07 -33.07 9.69
N THR A 400 9.30 -31.87 10.26
CA THR A 400 8.26 -30.87 10.23
C THR A 400 8.09 -30.25 8.86
N ILE A 401 9.20 -29.81 8.25
CA ILE A 401 9.13 -29.16 6.94
C ILE A 401 8.50 -30.10 5.92
N LEU A 402 8.91 -31.37 5.95
CA LEU A 402 8.41 -32.36 4.99
C LEU A 402 7.08 -32.94 5.38
N SER A 403 6.44 -32.46 6.45
CA SER A 403 5.12 -32.97 6.82
C SER A 403 3.98 -32.20 6.18
N PHE A 404 4.30 -31.14 5.44
CA PHE A 404 3.32 -30.22 4.89
C PHE A 404 3.01 -30.58 3.45
N GLY B 1 -63.48 12.90 18.64
CA GLY B 1 -62.06 13.17 18.81
C GLY B 1 -61.19 12.62 17.68
N PRO B 2 -59.89 12.89 17.73
CA PRO B 2 -58.98 12.32 16.73
C PRO B 2 -58.68 10.87 17.04
N PRO B 3 -58.41 10.05 16.02
CA PRO B 3 -58.04 8.65 16.28
C PRO B 3 -56.78 8.56 17.15
N THR B 4 -56.78 7.57 18.04
CA THR B 4 -55.60 7.22 18.81
C THR B 4 -54.66 6.39 17.95
N SER B 5 -53.50 6.03 18.54
CA SER B 5 -52.58 5.12 17.86
C SER B 5 -53.23 3.78 17.55
N ASP B 6 -53.95 3.20 18.53
CA ASP B 6 -54.54 1.89 18.27
C ASP B 6 -55.67 1.99 17.25
N ASP B 7 -56.44 3.09 17.27
CA ASP B 7 -57.38 3.36 16.19
C ASP B 7 -56.69 3.34 14.84
N ILE B 8 -55.52 3.98 14.76
CA ILE B 8 -54.85 4.11 13.47
C ILE B 8 -54.42 2.73 12.98
N PHE B 9 -53.90 1.89 13.90
CA PHE B 9 -53.46 0.53 13.50
C PHE B 9 -54.63 -0.30 13.02
N GLU B 10 -55.76 -0.20 13.72
CA GLU B 10 -56.90 -1.04 13.42
C GLU B 10 -57.51 -0.66 12.07
N ARG B 11 -57.55 0.64 11.75
CA ARG B 11 -58.10 1.07 10.47
C ARG B 11 -57.27 0.55 9.32
N GLU B 12 -55.94 0.67 9.41
CA GLU B 12 -55.11 0.14 8.34
C GLU B 12 -55.28 -1.38 8.22
N TYR B 13 -55.38 -2.08 9.33
CA TYR B 13 -55.60 -3.53 9.24
C TYR B 13 -56.86 -3.86 8.44
N LYS B 14 -57.90 -3.01 8.60
CA LYS B 14 -59.16 -3.32 7.96
C LYS B 14 -59.13 -3.01 6.46
N TYR B 15 -58.51 -1.89 6.06
CA TYR B 15 -58.72 -1.36 4.74
C TYR B 15 -57.47 -1.37 3.87
N GLY B 16 -56.33 -1.74 4.43
CA GLY B 16 -55.07 -1.73 3.69
C GLY B 16 -54.52 -3.14 3.55
N ALA B 17 -53.75 -3.35 2.47
CA ALA B 17 -52.99 -4.58 2.34
C ALA B 17 -52.13 -4.81 3.57
N HIS B 18 -51.83 -6.07 3.83
CA HIS B 18 -51.01 -6.52 4.94
C HIS B 18 -49.60 -6.86 4.47
N ASN B 19 -49.03 -5.98 3.65
CA ASN B 19 -47.67 -6.20 3.14
C ASN B 19 -46.58 -5.64 4.04
N TYR B 20 -46.94 -5.01 5.17
CA TYR B 20 -45.98 -4.57 6.17
C TYR B 20 -46.40 -4.94 7.59
N HIS B 21 -45.43 -5.04 8.48
CA HIS B 21 -45.61 -5.16 9.92
C HIS B 21 -44.76 -4.06 10.52
N PRO B 22 -45.26 -2.81 10.50
CA PRO B 22 -44.49 -1.69 11.02
C PRO B 22 -44.30 -1.78 12.53
N LEU B 23 -43.26 -1.09 13.01
CA LEU B 23 -43.15 -0.88 14.44
C LEU B 23 -44.41 -0.15 14.91
N PRO B 24 -45.02 -0.58 16.01
CA PRO B 24 -46.26 0.04 16.50
C PRO B 24 -46.11 1.45 17.04
N VAL B 25 -46.06 2.44 16.14
CA VAL B 25 -46.04 3.86 16.56
C VAL B 25 -46.71 4.63 15.44
N ALA B 26 -47.58 5.58 15.78
CA ALA B 26 -48.41 6.26 14.77
C ALA B 26 -48.03 7.75 14.72
N LEU B 27 -47.28 8.14 13.69
CA LEU B 27 -46.73 9.48 13.61
C LEU B 27 -47.63 10.45 12.85
N GLU B 28 -47.72 11.69 13.34
CA GLU B 28 -48.47 12.70 12.60
C GLU B 28 -47.68 13.96 12.29
N ARG B 29 -46.45 14.11 12.81
CA ARG B 29 -45.70 15.32 12.59
C ARG B 29 -44.22 14.99 12.59
N GLY B 30 -43.47 15.64 11.70
CA GLY B 30 -42.03 15.44 11.71
C GLY B 30 -41.35 16.78 11.44
N LYS B 31 -40.21 17.04 12.05
CA LYS B 31 -39.50 18.29 11.77
C LYS B 31 -38.05 18.08 12.16
N GLY B 32 -37.16 18.20 11.20
CA GLY B 32 -35.76 17.94 11.45
C GLY B 32 -35.52 16.49 11.85
N ILE B 33 -34.89 16.32 13.01
CA ILE B 33 -34.55 15.00 13.53
C ILE B 33 -35.67 14.34 14.33
N TYR B 34 -36.82 15.01 14.51
CA TYR B 34 -37.84 14.55 15.42
C TYR B 34 -39.14 14.18 14.71
N LEU B 35 -39.82 13.20 15.31
CA LEU B 35 -41.16 12.74 14.95
C LEU B 35 -42.04 12.80 16.20
N TRP B 36 -43.32 13.10 15.98
CA TRP B 36 -44.32 13.12 17.05
C TRP B 36 -45.46 12.20 16.66
N ASP B 37 -45.94 11.42 17.62
CA ASP B 37 -47.08 10.55 17.34
C ASP B 37 -48.39 11.28 17.71
N VAL B 38 -49.51 10.60 17.54
CA VAL B 38 -50.80 11.30 17.65
C VAL B 38 -51.11 11.62 19.10
N GLU B 39 -50.43 10.97 20.05
CA GLU B 39 -50.58 11.31 21.46
C GLU B 39 -49.70 12.49 21.85
N GLY B 40 -48.82 12.96 20.96
CA GLY B 40 -47.93 14.06 21.22
C GLY B 40 -46.56 13.68 21.76
N ARG B 41 -46.25 12.39 21.86
CA ARG B 41 -44.91 11.98 22.26
C ARG B 41 -43.90 12.33 21.18
N LYS B 42 -42.69 12.70 21.62
CA LYS B 42 -41.61 13.09 20.73
C LYS B 42 -40.57 11.97 20.64
N TYR B 43 -40.06 11.72 19.43
CA TYR B 43 -39.04 10.71 19.20
C TYR B 43 -37.89 11.22 18.36
N PHE B 44 -36.68 10.76 18.68
CA PHE B 44 -35.56 10.84 17.73
C PHE B 44 -35.81 9.85 16.61
N ASP B 45 -35.69 10.32 15.37
CA ASP B 45 -35.81 9.45 14.19
C ASP B 45 -34.45 8.86 13.92
N PHE B 46 -34.27 7.57 14.17
CA PHE B 46 -33.01 6.92 13.83
C PHE B 46 -33.19 5.95 12.67
N LEU B 47 -34.14 6.23 11.82
CA LEU B 47 -34.34 5.47 10.57
C LEU B 47 -34.27 6.35 9.34
N SER B 48 -34.71 7.61 9.43
CA SER B 48 -34.63 8.57 8.34
C SER B 48 -35.36 8.08 7.10
N SER B 49 -36.49 7.38 7.30
CA SER B 49 -37.31 6.88 6.18
C SER B 49 -36.46 6.11 5.19
N TYR B 50 -35.61 5.24 5.72
CA TYR B 50 -34.69 4.41 4.96
C TYR B 50 -33.78 5.27 4.07
N SER B 51 -33.23 6.32 4.68
CA SER B 51 -32.35 7.36 4.13
C SER B 51 -32.99 8.27 3.11
N ALA B 52 -34.30 8.54 3.21
CA ALA B 52 -34.91 9.52 2.34
C ALA B 52 -35.05 10.91 2.99
N VAL B 53 -34.96 11.04 4.32
CA VAL B 53 -35.02 12.38 4.91
C VAL B 53 -33.64 12.69 5.50
N ASN B 54 -32.59 12.49 4.70
CA ASN B 54 -31.26 12.92 5.15
C ASN B 54 -31.23 14.38 5.61
N GLN B 55 -32.06 15.23 5.02
CA GLN B 55 -32.08 16.65 5.32
C GLN B 55 -32.94 16.97 6.53
N GLY B 56 -33.51 15.96 7.19
CA GLY B 56 -34.48 16.18 8.24
C GLY B 56 -35.87 16.20 7.64
N HIS B 57 -36.86 15.93 8.49
CA HIS B 57 -38.26 16.01 8.06
C HIS B 57 -38.65 17.45 7.75
N CYS B 58 -39.32 17.68 6.59
CA CYS B 58 -39.96 18.96 6.28
C CYS B 58 -38.96 20.12 6.37
N HIS B 59 -37.83 19.94 5.69
CA HIS B 59 -36.83 21.00 5.70
C HIS B 59 -37.41 22.26 5.08
N PRO B 60 -37.36 23.40 5.76
CA PRO B 60 -38.12 24.54 5.26
C PRO B 60 -37.66 25.02 3.87
N LYS B 61 -36.40 24.82 3.48
CA LYS B 61 -35.98 25.22 2.13
C LYS B 61 -36.64 24.35 1.06
N ILE B 62 -36.76 23.05 1.33
CA ILE B 62 -37.35 22.15 0.34
C ILE B 62 -38.86 22.34 0.28
N VAL B 63 -39.47 22.54 1.45
CA VAL B 63 -40.89 22.87 1.53
C VAL B 63 -41.19 24.11 0.72
N ASN B 64 -40.40 25.16 0.92
CA ASN B 64 -40.63 26.39 0.19
C ASN B 64 -40.54 26.15 -1.32
N ALA B 65 -39.62 25.29 -1.76
CA ALA B 65 -39.54 25.01 -3.18
C ALA B 65 -40.81 24.34 -3.68
N LEU B 66 -41.33 23.37 -2.92
CA LEU B 66 -42.55 22.71 -3.34
C LEU B 66 -43.71 23.70 -3.41
N LYS B 67 -43.82 24.58 -2.41
CA LYS B 67 -44.98 25.47 -2.36
C LYS B 67 -44.89 26.53 -3.45
N SER B 68 -43.69 27.00 -3.76
CA SER B 68 -43.55 27.96 -4.84
C SER B 68 -43.99 27.35 -6.18
N GLN B 69 -43.55 26.11 -6.48
CA GLN B 69 -43.81 25.56 -7.80
C GLN B 69 -45.22 25.00 -7.93
N VAL B 70 -45.81 24.49 -6.84
CA VAL B 70 -47.13 23.87 -6.95
C VAL B 70 -48.18 24.85 -7.48
N ASP B 71 -47.97 26.17 -7.31
CA ASP B 71 -48.94 27.14 -7.81
C ASP B 71 -48.74 27.49 -9.29
N LYS B 72 -47.61 27.08 -9.87
CA LYS B 72 -47.30 27.41 -11.26
C LYS B 72 -47.65 26.32 -12.25
N LEU B 73 -47.08 25.13 -12.04
CA LEU B 73 -47.15 23.99 -12.97
C LEU B 73 -46.63 22.75 -12.25
N THR B 74 -47.35 21.62 -12.27
CA THR B 74 -46.82 20.43 -11.61
C THR B 74 -46.55 19.26 -12.56
N LEU B 75 -47.23 19.21 -13.70
CA LEU B 75 -47.05 18.03 -14.58
C LEU B 75 -47.48 18.35 -15.99
N THR B 76 -46.52 18.42 -16.92
CA THR B 76 -46.86 18.47 -18.32
C THR B 76 -46.80 17.11 -18.99
N SER B 77 -46.15 16.13 -18.34
CA SER B 77 -45.60 14.94 -18.99
C SER B 77 -44.50 15.29 -19.98
N ARG B 78 -43.83 14.29 -20.49
CA ARG B 78 -42.70 14.54 -21.37
C ARG B 78 -43.13 14.69 -22.82
N ALA B 79 -44.44 14.68 -23.06
CA ALA B 79 -44.95 14.97 -24.40
C ALA B 79 -44.54 16.38 -24.83
N PHE B 80 -44.33 17.26 -23.84
CA PHE B 80 -44.00 18.67 -24.03
C PHE B 80 -42.82 19.03 -23.15
N TYR B 81 -42.19 20.17 -23.44
CA TYR B 81 -41.14 20.62 -22.55
C TYR B 81 -41.76 21.45 -21.44
N ASN B 82 -41.10 21.43 -20.30
CA ASN B 82 -41.31 22.42 -19.27
C ASN B 82 -40.00 23.12 -18.97
N ASN B 83 -40.11 24.26 -18.33
CA ASN B 83 -38.98 25.17 -18.14
C ASN B 83 -38.08 24.78 -16.97
N VAL B 84 -38.46 23.79 -16.16
CA VAL B 84 -37.70 23.44 -14.97
C VAL B 84 -36.75 22.27 -15.23
N LEU B 85 -37.18 21.28 -16.01
CA LEU B 85 -36.45 20.00 -16.04
C LEU B 85 -35.00 20.23 -16.45
N GLY B 86 -34.77 21.04 -17.47
CA GLY B 86 -33.41 21.25 -17.96
C GLY B 86 -32.52 21.99 -16.99
N GLU B 87 -33.11 22.82 -16.14
CA GLU B 87 -32.32 23.48 -15.11
C GLU B 87 -31.81 22.45 -14.09
N TYR B 88 -32.72 21.57 -13.61
CA TYR B 88 -32.34 20.48 -12.73
C TYR B 88 -31.32 19.57 -13.38
N GLU B 89 -31.50 19.25 -14.68
CA GLU B 89 -30.56 18.32 -15.35
C GLU B 89 -29.15 18.92 -15.40
N GLU B 90 -29.04 20.20 -15.77
CA GLU B 90 -27.73 20.82 -15.79
C GLU B 90 -27.10 20.82 -14.39
N TYR B 91 -27.91 21.05 -13.36
CA TYR B 91 -27.38 21.17 -12.00
C TYR B 91 -26.88 19.81 -11.50
N ILE B 92 -27.70 18.75 -11.68
CA ILE B 92 -27.30 17.47 -11.08
C ILE B 92 -26.18 16.83 -11.88
N THR B 93 -26.16 16.99 -13.21
CA THR B 93 -25.07 16.39 -13.98
C THR B 93 -23.74 17.07 -13.67
N LYS B 94 -23.75 18.40 -13.43
CA LYS B 94 -22.48 19.05 -13.13
C LYS B 94 -22.05 18.71 -11.71
N LEU B 95 -23.00 18.55 -10.81
CA LEU B 95 -22.67 18.18 -9.44
C LEU B 95 -21.95 16.84 -9.38
N PHE B 96 -22.40 15.86 -10.14
CA PHE B 96 -21.83 14.51 -10.08
C PHE B 96 -20.83 14.23 -11.18
N ASN B 97 -20.70 15.13 -12.14
CA ASN B 97 -19.72 15.00 -13.23
CA ASN B 97 -19.73 15.00 -13.24
C ASN B 97 -20.03 13.83 -14.17
N TYR B 98 -21.28 13.76 -14.65
CA TYR B 98 -21.65 12.88 -15.76
C TYR B 98 -22.27 13.73 -16.85
N HIS B 99 -22.31 13.20 -18.09
CA HIS B 99 -22.86 14.00 -19.18
C HIS B 99 -24.35 14.26 -18.98
N LYS B 100 -25.11 13.23 -18.58
CA LYS B 100 -26.55 13.32 -18.70
C LYS B 100 -27.23 12.62 -17.53
N VAL B 101 -28.49 12.96 -17.33
CA VAL B 101 -29.30 12.29 -16.32
C VAL B 101 -30.58 11.85 -17.01
N LEU B 102 -31.11 10.71 -16.60
CA LEU B 102 -32.43 10.23 -17.00
C LEU B 102 -33.33 10.25 -15.77
N PRO B 103 -34.37 11.10 -15.73
CA PRO B 103 -35.18 11.26 -14.50
C PRO B 103 -36.28 10.22 -14.40
N MET B 104 -36.40 9.61 -13.22
CA MET B 104 -37.50 8.69 -12.93
C MET B 104 -38.07 9.02 -11.55
N ASN B 105 -38.96 8.19 -11.00
CA ASN B 105 -39.63 8.57 -9.75
C ASN B 105 -39.16 7.81 -8.52
N THR B 106 -39.14 6.48 -8.64
CA THR B 106 -38.80 5.64 -7.49
C THR B 106 -37.45 4.99 -7.69
N GLY B 107 -36.90 4.49 -6.57
CA GLY B 107 -35.59 3.85 -6.66
C GLY B 107 -35.58 2.66 -7.60
N VAL B 108 -36.61 1.81 -7.52
CA VAL B 108 -36.61 0.58 -8.33
C VAL B 108 -36.73 0.95 -9.81
N GLU B 109 -37.41 2.06 -10.12
CA GLU B 109 -37.47 2.51 -11.52
C GLU B 109 -36.08 2.93 -12.02
N ALA B 110 -35.27 3.58 -11.16
CA ALA B 110 -33.89 3.89 -11.56
C ALA B 110 -33.12 2.60 -11.87
N GLY B 111 -33.31 1.58 -11.02
CA GLY B 111 -32.63 0.32 -11.26
C GLY B 111 -33.12 -0.32 -12.55
N GLU B 112 -34.44 -0.29 -12.78
CA GLU B 112 -34.91 -0.90 -14.04
C GLU B 112 -34.35 -0.17 -15.25
N THR B 113 -34.27 1.16 -15.15
CA THR B 113 -33.69 1.98 -16.21
C THR B 113 -32.24 1.59 -16.44
N ALA B 114 -31.48 1.41 -15.34
CA ALA B 114 -30.08 1.05 -15.53
C ALA B 114 -29.95 -0.33 -16.19
N CYS B 115 -30.83 -1.27 -15.84
CA CYS B 115 -30.81 -2.58 -16.51
C CYS B 115 -31.11 -2.44 -17.99
N LYS B 116 -32.08 -1.58 -18.35
CA LYS B 116 -32.37 -1.38 -19.76
C LYS B 116 -31.19 -0.74 -20.48
N LEU B 117 -30.61 0.31 -19.90
CA LEU B 117 -29.41 0.89 -20.50
C LEU B 117 -28.30 -0.15 -20.67
N ALA B 118 -28.04 -0.97 -19.63
CA ALA B 118 -27.00 -1.99 -19.73
C ALA B 118 -27.24 -2.94 -20.90
N ARG B 119 -28.48 -3.42 -21.03
CA ARG B 119 -28.78 -4.35 -22.11
C ARG B 119 -28.66 -3.69 -23.48
N LYS B 120 -29.23 -2.50 -23.63
CA LYS B 120 -29.24 -1.82 -24.91
C LYS B 120 -27.81 -1.47 -25.34
N TRP B 121 -27.00 -1.01 -24.38
CA TRP B 121 -25.57 -0.81 -24.63
C TRP B 121 -24.88 -2.13 -24.96
N GLY B 122 -25.20 -3.18 -24.22
CA GLY B 122 -24.59 -4.48 -24.49
C GLY B 122 -24.83 -4.93 -25.93
N TYR B 123 -26.07 -4.78 -26.43
CA TYR B 123 -26.35 -5.21 -27.80
C TYR B 123 -25.79 -4.22 -28.84
N THR B 124 -26.00 -2.92 -28.63
CA THR B 124 -25.68 -1.97 -29.69
C THR B 124 -24.24 -1.48 -29.68
N VAL B 125 -23.54 -1.52 -28.57
CA VAL B 125 -22.16 -1.07 -28.54
C VAL B 125 -21.21 -2.25 -28.34
N LYS B 126 -21.42 -3.03 -27.28
CA LYS B 126 -20.48 -4.12 -27.04
C LYS B 126 -20.63 -5.21 -28.10
N GLY B 127 -21.80 -5.35 -28.70
CA GLY B 127 -21.98 -6.32 -29.78
C GLY B 127 -22.47 -7.69 -29.35
N ILE B 128 -23.06 -7.80 -28.15
CA ILE B 128 -23.67 -9.07 -27.72
C ILE B 128 -24.84 -9.42 -28.64
N GLN B 129 -25.01 -10.70 -28.94
CA GLN B 129 -26.15 -11.15 -29.75
C GLN B 129 -27.43 -10.98 -28.96
N LYS B 130 -28.50 -10.46 -29.59
CA LYS B 130 -29.81 -10.45 -28.94
C LYS B 130 -30.36 -11.87 -28.82
N TYR B 131 -30.84 -12.27 -27.62
CA TYR B 131 -30.93 -11.53 -26.35
C TYR B 131 -30.10 -12.27 -25.29
N LYS B 132 -28.77 -12.28 -25.46
CA LYS B 132 -27.88 -13.06 -24.61
C LYS B 132 -27.22 -12.22 -23.51
N ALA B 133 -27.57 -10.94 -23.37
CA ALA B 133 -26.83 -10.12 -22.42
C ALA B 133 -27.14 -10.55 -20.99
N LYS B 134 -26.12 -10.56 -20.14
CA LYS B 134 -26.29 -10.84 -18.72
C LYS B 134 -26.00 -9.61 -17.86
N ILE B 135 -26.62 -9.53 -16.69
CA ILE B 135 -26.29 -8.52 -15.69
C ILE B 135 -25.96 -9.30 -14.43
N VAL B 136 -24.85 -8.96 -13.80
CA VAL B 136 -24.42 -9.65 -12.60
C VAL B 136 -24.76 -8.82 -11.37
N PHE B 137 -25.20 -9.50 -10.29
CA PHE B 137 -25.61 -8.86 -9.06
C PHE B 137 -24.90 -9.54 -7.90
N ALA B 138 -24.90 -8.86 -6.74
CA ALA B 138 -24.28 -9.43 -5.54
C ALA B 138 -25.34 -10.00 -4.62
N ALA B 139 -25.11 -11.21 -4.11
CA ALA B 139 -25.99 -11.80 -3.09
C ALA B 139 -26.16 -10.82 -1.93
N GLY B 140 -27.38 -10.73 -1.39
CA GLY B 140 -27.68 -9.76 -0.37
C GLY B 140 -28.28 -8.47 -0.90
N ASN B 141 -28.22 -8.24 -2.24
CA ASN B 141 -28.72 -6.98 -2.77
C ASN B 141 -30.19 -6.80 -2.49
N PHE B 142 -30.60 -5.54 -2.36
CA PHE B 142 -32.02 -5.23 -2.38
C PHE B 142 -32.15 -3.94 -3.19
N TRP B 143 -32.93 -3.95 -4.26
CA TRP B 143 -33.16 -2.70 -4.97
C TRP B 143 -34.63 -2.51 -5.34
N GLY B 144 -35.52 -3.16 -4.57
CA GLY B 144 -36.96 -2.90 -4.66
C GLY B 144 -37.77 -4.12 -5.00
N ARG B 145 -38.99 -3.88 -5.53
CA ARG B 145 -40.04 -4.92 -5.46
C ARG B 145 -40.67 -5.23 -6.80
N THR B 146 -40.14 -4.75 -7.92
CA THR B 146 -40.67 -5.22 -9.20
C THR B 146 -40.24 -6.65 -9.46
N LEU B 147 -40.84 -7.26 -10.50
CA LEU B 147 -40.45 -8.64 -10.81
C LEU B 147 -38.98 -8.71 -11.20
N SER B 148 -38.44 -7.67 -11.81
CA SER B 148 -36.99 -7.67 -12.09
C SER B 148 -36.18 -7.66 -10.81
N ALA B 149 -36.52 -6.75 -9.88
CA ALA B 149 -35.71 -6.57 -8.70
C ALA B 149 -35.71 -7.84 -7.85
N ILE B 150 -36.87 -8.48 -7.71
CA ILE B 150 -36.82 -9.68 -6.89
C ILE B 150 -36.16 -10.85 -7.60
N SER B 151 -35.94 -10.77 -8.91
CA SER B 151 -35.31 -11.86 -9.65
C SER B 151 -33.80 -11.89 -9.42
N SER B 152 -33.22 -10.82 -8.87
CA SER B 152 -31.81 -10.83 -8.48
C SER B 152 -31.61 -11.05 -7.00
N SER B 153 -32.66 -11.29 -6.25
CA SER B 153 -32.57 -11.38 -4.80
C SER B 153 -32.19 -12.79 -4.34
N THR B 154 -31.41 -12.87 -3.27
CA THR B 154 -31.19 -14.15 -2.58
C THR B 154 -32.04 -14.23 -1.31
N ASP B 155 -33.00 -13.33 -1.16
CA ASP B 155 -33.86 -13.33 0.02
C ASP B 155 -35.18 -13.98 -0.32
N PRO B 156 -35.50 -15.15 0.25
CA PRO B 156 -36.79 -15.81 -0.07
C PRO B 156 -38.02 -14.95 0.17
N THR B 157 -38.01 -14.07 1.18
CA THR B 157 -39.18 -13.19 1.34
C THR B 157 -39.40 -12.30 0.12
N SER B 158 -38.36 -11.98 -0.65
CA SER B 158 -38.53 -11.17 -1.84
C SER B 158 -39.11 -11.96 -2.99
N TYR B 159 -38.64 -13.20 -3.18
CA TYR B 159 -38.98 -13.87 -4.43
C TYR B 159 -39.99 -15.02 -4.28
N ASP B 160 -40.16 -15.59 -3.09
CA ASP B 160 -41.01 -16.77 -2.96
CA ASP B 160 -41.02 -16.77 -2.94
C ASP B 160 -42.44 -16.46 -3.38
N GLY B 161 -42.98 -17.31 -4.28
CA GLY B 161 -44.36 -17.14 -4.67
C GLY B 161 -44.58 -16.20 -5.83
N PHE B 162 -43.52 -15.58 -6.36
CA PHE B 162 -43.69 -14.51 -7.33
C PHE B 162 -43.05 -14.85 -8.67
N GLY B 163 -42.57 -16.10 -8.86
CA GLY B 163 -41.93 -16.42 -10.12
C GLY B 163 -42.95 -16.75 -11.20
N PRO B 164 -42.47 -17.04 -12.39
CA PRO B 164 -41.07 -17.22 -12.78
C PRO B 164 -40.27 -15.93 -12.90
N PHE B 165 -38.96 -16.09 -12.96
CA PHE B 165 -38.03 -14.99 -12.76
C PHE B 165 -37.35 -14.55 -14.05
N MET B 166 -36.88 -13.27 -14.00
CA MET B 166 -36.30 -12.64 -15.17
C MET B 166 -35.04 -13.40 -15.56
N PRO B 167 -34.88 -13.78 -16.82
CA PRO B 167 -33.63 -14.40 -17.27
C PRO B 167 -32.48 -13.42 -17.38
N GLY B 168 -31.25 -13.97 -17.39
CA GLY B 168 -30.10 -13.10 -17.67
C GLY B 168 -29.59 -12.33 -16.47
N PHE B 169 -29.98 -12.72 -15.26
CA PHE B 169 -29.54 -12.10 -14.01
C PHE B 169 -28.72 -13.16 -13.29
N ASP B 170 -27.42 -12.95 -13.16
CA ASP B 170 -26.59 -13.90 -12.43
C ASP B 170 -26.20 -13.31 -11.11
N ILE B 171 -26.02 -14.16 -10.11
CA ILE B 171 -25.74 -13.69 -8.74
C ILE B 171 -24.41 -14.26 -8.29
N ILE B 172 -23.55 -13.39 -7.74
CA ILE B 172 -22.26 -13.80 -7.15
C ILE B 172 -22.20 -13.31 -5.70
N PRO B 173 -21.30 -13.85 -4.87
CA PRO B 173 -21.15 -13.29 -3.52
C PRO B 173 -20.71 -11.82 -3.54
N TYR B 174 -21.22 -11.06 -2.59
CA TYR B 174 -20.73 -9.72 -2.29
C TYR B 174 -19.28 -9.78 -1.81
N ASN B 175 -18.56 -8.65 -1.96
CA ASN B 175 -17.23 -8.52 -1.34
C ASN B 175 -16.30 -9.65 -1.76
N ASP B 176 -16.32 -9.99 -3.05
CA ASP B 176 -15.61 -11.15 -3.58
C ASP B 176 -15.09 -10.83 -4.99
N LEU B 177 -13.83 -10.37 -5.06
CA LEU B 177 -13.30 -9.94 -6.34
C LEU B 177 -13.03 -11.15 -7.22
N PRO B 178 -12.48 -12.26 -6.68
CA PRO B 178 -12.28 -13.44 -7.55
C PRO B 178 -13.57 -13.93 -8.17
N ALA B 179 -14.69 -13.96 -7.43
CA ALA B 179 -15.92 -14.40 -8.07
C ALA B 179 -16.38 -13.45 -9.17
N LEU B 180 -16.17 -12.13 -8.98
CA LEU B 180 -16.51 -11.18 -10.04
C LEU B 180 -15.64 -11.41 -11.27
N GLU B 181 -14.34 -11.58 -11.07
CA GLU B 181 -13.47 -11.82 -12.21
C GLU B 181 -13.90 -13.08 -12.97
N ARG B 182 -14.29 -14.13 -12.25
CA ARG B 182 -14.75 -15.34 -12.93
C ARG B 182 -16.02 -15.07 -13.72
N ALA B 183 -16.98 -14.35 -13.11
CA ALA B 183 -18.21 -14.04 -13.84
C ALA B 183 -17.91 -13.20 -15.09
N LEU B 184 -16.94 -12.27 -15.01
CA LEU B 184 -16.75 -11.41 -16.17
C LEU B 184 -15.96 -12.09 -17.28
N GLN B 185 -15.58 -13.36 -17.12
CA GLN B 185 -14.95 -14.05 -18.23
C GLN B 185 -15.93 -14.30 -19.34
N ASP B 186 -17.23 -14.23 -19.07
CA ASP B 186 -18.24 -14.40 -20.13
C ASP B 186 -18.43 -13.09 -20.88
N PRO B 187 -18.12 -13.02 -22.17
CA PRO B 187 -18.26 -11.73 -22.87
C PRO B 187 -19.71 -11.30 -23.06
N ASN B 188 -20.67 -12.15 -22.72
CA ASN B 188 -22.05 -11.69 -22.81
C ASN B 188 -22.50 -10.94 -21.57
N VAL B 189 -21.64 -10.78 -20.58
CA VAL B 189 -22.02 -9.92 -19.46
C VAL B 189 -21.95 -8.46 -19.91
N ALA B 190 -23.04 -7.72 -19.70
CA ALA B 190 -23.10 -6.29 -20.01
C ALA B 190 -22.79 -5.42 -18.80
N ALA B 191 -23.10 -5.86 -17.58
CA ALA B 191 -22.99 -4.94 -16.43
C ALA B 191 -22.94 -5.72 -15.14
N PHE B 192 -22.45 -5.03 -14.10
CA PHE B 192 -22.44 -5.53 -12.73
C PHE B 192 -23.10 -4.43 -11.92
N MET B 193 -24.20 -4.73 -11.23
CA MET B 193 -24.90 -3.79 -10.35
C MET B 193 -24.62 -4.15 -8.89
N VAL B 194 -24.25 -3.13 -8.10
CA VAL B 194 -23.80 -3.41 -6.73
C VAL B 194 -24.00 -2.16 -5.86
N GLU B 195 -24.38 -2.39 -4.59
CA GLU B 195 -24.44 -1.36 -3.57
C GLU B 195 -23.06 -1.19 -2.93
N PRO B 196 -22.54 0.03 -2.77
CA PRO B 196 -21.20 0.18 -2.16
C PRO B 196 -21.14 -0.22 -0.69
N ILE B 197 -22.28 -0.14 -0.02
CA ILE B 197 -22.56 -0.72 1.29
C ILE B 197 -23.94 -1.33 1.14
N GLN B 198 -24.12 -2.61 1.45
CA GLN B 198 -25.45 -3.20 1.31
C GLN B 198 -26.33 -2.82 2.48
N GLY B 199 -27.49 -2.23 2.18
CA GLY B 199 -28.31 -1.70 3.26
C GLY B 199 -29.15 -2.76 3.93
N GLU B 200 -30.08 -3.33 3.17
CA GLU B 200 -31.00 -4.31 3.72
C GLU B 200 -30.32 -5.62 4.09
N ALA B 201 -29.14 -5.92 3.54
CA ALA B 201 -28.45 -7.12 4.01
C ALA B 201 -27.94 -6.94 5.42
N GLY B 202 -27.99 -5.72 5.94
CA GLY B 202 -27.57 -5.51 7.31
C GLY B 202 -26.43 -4.51 7.48
N VAL B 203 -26.39 -3.46 6.65
CA VAL B 203 -25.27 -2.50 6.64
C VAL B 203 -23.96 -3.29 6.49
N VAL B 204 -23.86 -3.99 5.39
CA VAL B 204 -22.70 -4.82 5.14
C VAL B 204 -21.69 -3.99 4.35
N VAL B 205 -20.57 -3.67 5.00
CA VAL B 205 -19.51 -2.86 4.42
C VAL B 205 -18.46 -3.80 3.83
N PRO B 206 -18.19 -3.74 2.53
CA PRO B 206 -17.17 -4.60 1.95
C PRO B 206 -15.79 -4.14 2.37
N ASP B 207 -14.81 -5.01 2.16
CA ASP B 207 -13.47 -4.71 2.63
C ASP B 207 -12.84 -3.55 1.85
N PRO B 208 -11.96 -2.78 2.49
CA PRO B 208 -11.23 -1.73 1.78
C PRO B 208 -10.63 -2.26 0.49
N GLY B 209 -10.79 -1.51 -0.59
CA GLY B 209 -10.25 -1.90 -1.87
C GLY B 209 -11.23 -2.67 -2.73
N TYR B 210 -12.39 -3.07 -2.17
CA TYR B 210 -13.34 -3.83 -2.97
C TYR B 210 -13.83 -3.01 -4.16
N LEU B 211 -14.19 -1.75 -3.91
CA LEU B 211 -14.80 -0.95 -4.97
C LEU B 211 -13.77 -0.60 -6.02
N MET B 212 -12.56 -0.24 -5.59
CA MET B 212 -11.46 -0.03 -6.52
C MET B 212 -11.25 -1.27 -7.40
N GLY B 213 -11.31 -2.45 -6.79
CA GLY B 213 -11.12 -3.68 -7.55
C GLY B 213 -12.27 -3.95 -8.52
N VAL B 214 -13.51 -3.68 -8.10
CA VAL B 214 -14.65 -3.81 -9.00
C VAL B 214 -14.47 -2.93 -10.23
N ARG B 215 -14.04 -1.69 -10.02
CA ARG B 215 -13.84 -0.76 -11.12
C ARG B 215 -12.79 -1.27 -12.10
N GLU B 216 -11.67 -1.79 -11.58
CA GLU B 216 -10.62 -2.29 -12.47
C GLU B 216 -11.12 -3.46 -13.30
N LEU B 217 -11.85 -4.38 -12.66
CA LEU B 217 -12.35 -5.56 -13.39
C LEU B 217 -13.39 -5.20 -14.47
N CYS B 218 -14.32 -4.30 -14.14
CA CYS B 218 -15.33 -3.90 -15.12
C CYS B 218 -14.70 -3.18 -16.29
N THR B 219 -13.76 -2.28 -16.03
CA THR B 219 -13.10 -1.61 -17.16
C THR B 219 -12.32 -2.61 -18.02
N ARG B 220 -11.57 -3.53 -17.40
CA ARG B 220 -10.81 -4.46 -18.22
C ARG B 220 -11.70 -5.26 -19.16
N HIS B 221 -12.86 -5.67 -18.67
CA HIS B 221 -13.70 -6.63 -19.43
C HIS B 221 -14.82 -5.96 -20.18
N GLN B 222 -14.80 -4.62 -20.28
CA GLN B 222 -15.84 -3.88 -21.01
C GLN B 222 -17.21 -4.26 -20.46
N VAL B 223 -17.37 -4.01 -19.17
CA VAL B 223 -18.58 -4.30 -18.45
C VAL B 223 -18.97 -3.00 -17.74
N LEU B 224 -20.26 -2.64 -17.74
CA LEU B 224 -20.63 -1.39 -17.07
C LEU B 224 -20.71 -1.62 -15.57
N PHE B 225 -20.13 -0.70 -14.80
CA PHE B 225 -20.25 -0.73 -13.34
C PHE B 225 -21.42 0.17 -12.96
N ILE B 226 -22.52 -0.46 -12.48
CA ILE B 226 -23.69 0.23 -11.98
C ILE B 226 -23.60 0.30 -10.46
N ALA B 227 -23.46 1.50 -9.91
CA ALA B 227 -23.46 1.70 -8.45
C ALA B 227 -24.85 2.12 -8.01
N ASP B 228 -25.43 1.34 -7.12
CA ASP B 228 -26.73 1.67 -6.54
C ASP B 228 -26.45 2.50 -5.31
N GLU B 229 -26.57 3.81 -5.46
CA GLU B 229 -26.37 4.72 -4.33
C GLU B 229 -27.70 5.29 -3.85
N ILE B 230 -28.77 4.55 -4.07
CA ILE B 230 -30.09 5.05 -3.70
C ILE B 230 -30.20 5.25 -2.19
N GLN B 231 -29.60 4.36 -1.39
CA GLN B 231 -29.53 4.52 0.08
C GLN B 231 -28.19 5.08 0.54
N THR B 232 -27.09 4.70 -0.08
CA THR B 232 -25.79 5.15 0.42
C THR B 232 -25.41 6.54 -0.04
N GLY B 233 -26.03 7.03 -1.11
CA GLY B 233 -25.65 8.28 -1.71
C GLY B 233 -26.08 9.50 -0.89
N LEU B 234 -25.75 10.69 -1.43
CA LEU B 234 -26.29 11.97 -0.90
C LEU B 234 -25.96 12.17 0.58
N ALA B 235 -24.68 12.04 0.90
CA ALA B 235 -24.04 12.39 2.16
C ALA B 235 -24.28 11.39 3.29
N ARG B 236 -25.20 10.41 3.15
CA ARG B 236 -25.54 9.50 4.24
C ARG B 236 -24.28 8.82 4.84
N THR B 237 -23.30 8.45 4.02
CA THR B 237 -22.11 7.80 4.54
C THR B 237 -20.93 8.74 4.73
N GLY B 238 -21.11 10.06 4.61
CA GLY B 238 -20.00 10.98 4.84
C GLY B 238 -19.30 11.49 3.59
N ARG B 239 -19.78 11.11 2.40
CA ARG B 239 -19.34 11.68 1.12
C ARG B 239 -20.56 11.88 0.24
N TRP B 240 -20.41 12.67 -0.83
CA TRP B 240 -21.52 12.78 -1.80
C TRP B 240 -21.99 11.40 -2.25
N LEU B 241 -21.04 10.49 -2.52
CA LEU B 241 -21.35 9.11 -2.87
C LEU B 241 -20.44 8.22 -2.05
N ALA B 242 -20.93 7.03 -1.65
CA ALA B 242 -20.05 6.15 -0.90
C ALA B 242 -18.86 5.71 -1.75
N VAL B 243 -19.05 5.64 -3.08
CA VAL B 243 -17.90 5.23 -3.90
C VAL B 243 -16.78 6.23 -3.80
N ASP B 244 -17.06 7.45 -3.36
CA ASP B 244 -16.00 8.47 -3.29
C ASP B 244 -14.90 8.06 -2.31
N TYR B 245 -15.18 7.18 -1.35
CA TYR B 245 -14.16 6.81 -0.36
C TYR B 245 -12.99 6.09 -1.01
N GLU B 246 -13.21 5.47 -2.14
CA GLU B 246 -12.12 4.82 -2.85
C GLU B 246 -11.92 5.46 -4.22
N ASN B 247 -12.30 6.73 -4.37
CA ASN B 247 -12.15 7.48 -5.62
C ASN B 247 -12.70 6.77 -6.83
N VAL B 248 -13.77 5.99 -6.68
CA VAL B 248 -14.27 5.18 -7.79
C VAL B 248 -15.33 5.93 -8.59
N ARG B 249 -15.23 5.88 -9.92
CA ARG B 249 -16.23 6.48 -10.80
C ARG B 249 -17.02 5.39 -11.53
N PRO B 250 -18.25 5.10 -11.11
CA PRO B 250 -19.04 4.07 -11.80
C PRO B 250 -19.46 4.54 -13.18
N ASP B 251 -19.83 3.59 -14.03
CA ASP B 251 -20.37 3.95 -15.35
C ASP B 251 -21.77 4.50 -15.23
N ILE B 252 -22.58 3.95 -14.33
CA ILE B 252 -23.94 4.44 -14.09
C ILE B 252 -24.12 4.59 -12.58
N VAL B 253 -24.63 5.74 -12.15
CA VAL B 253 -24.93 5.95 -10.73
C VAL B 253 -26.43 6.10 -10.57
N LEU B 254 -27.00 5.39 -9.58
CA LEU B 254 -28.43 5.48 -9.25
C LEU B 254 -28.61 6.30 -7.99
N LEU B 255 -29.55 7.26 -8.03
CA LEU B 255 -29.88 8.12 -6.90
C LEU B 255 -31.40 8.06 -6.70
N GLY B 256 -31.82 8.19 -5.45
CA GLY B 256 -33.24 8.16 -5.13
C GLY B 256 -33.45 8.74 -3.73
N LYS B 257 -34.55 8.33 -3.07
CA LYS B 257 -34.72 8.60 -1.64
C LYS B 257 -34.46 10.06 -1.25
N ALA B 258 -33.27 10.42 -0.72
CA ALA B 258 -33.01 11.76 -0.22
C ALA B 258 -32.84 12.77 -1.33
N LEU B 259 -32.89 12.35 -2.60
CA LEU B 259 -32.89 13.31 -3.71
C LEU B 259 -33.98 14.37 -3.59
N SER B 260 -35.05 14.09 -2.84
CA SER B 260 -36.14 15.00 -2.66
C SER B 260 -36.33 15.44 -1.22
N GLY B 261 -35.49 14.99 -0.30
CA GLY B 261 -35.72 15.28 1.11
C GLY B 261 -36.99 14.66 1.66
N GLY B 262 -37.53 13.65 0.97
CA GLY B 262 -38.76 12.96 1.35
C GLY B 262 -40.02 13.66 0.94
N LEU B 263 -39.93 14.75 0.19
CA LEU B 263 -41.11 15.51 -0.18
C LEU B 263 -41.76 15.07 -1.46
N TYR B 264 -41.14 14.16 -2.24
CA TYR B 264 -41.61 13.83 -3.57
C TYR B 264 -40.83 12.60 -4.04
N PRO B 265 -41.43 11.61 -4.70
CA PRO B 265 -40.58 10.51 -5.21
C PRO B 265 -39.83 10.95 -6.45
N VAL B 266 -38.51 11.16 -6.30
CA VAL B 266 -37.63 11.51 -7.40
C VAL B 266 -36.45 10.57 -7.40
N SER B 267 -36.11 10.02 -8.57
CA SER B 267 -34.90 9.23 -8.70
C SER B 267 -34.18 9.62 -9.99
N ALA B 268 -32.91 9.18 -10.13
CA ALA B 268 -32.07 9.68 -11.20
C ALA B 268 -31.10 8.58 -11.62
N VAL B 269 -30.80 8.55 -12.92
CA VAL B 269 -29.82 7.64 -13.50
C VAL B 269 -28.80 8.50 -14.21
N LEU B 270 -27.55 8.48 -13.73
CA LEU B 270 -26.49 9.34 -14.25
C LEU B 270 -25.50 8.47 -15.01
N CYS B 271 -25.15 8.91 -16.22
CA CYS B 271 -24.09 8.23 -16.98
C CYS B 271 -23.73 9.12 -18.17
N ASP B 272 -22.65 8.74 -18.84
CA ASP B 272 -22.16 9.51 -19.96
C ASP B 272 -22.87 9.16 -21.27
N ASP B 273 -22.62 10.00 -22.28
CA ASP B 273 -23.34 9.92 -23.56
C ASP B 273 -23.25 8.54 -24.23
N ASP B 274 -22.08 7.89 -24.25
CA ASP B 274 -21.95 6.63 -24.98
C ASP B 274 -22.87 5.55 -24.42
N ILE B 275 -23.23 5.65 -23.14
CA ILE B 275 -24.25 4.74 -22.58
C ILE B 275 -25.66 5.33 -22.72
N MET B 276 -25.82 6.57 -22.29
CA MET B 276 -27.18 7.11 -22.16
C MET B 276 -27.88 7.16 -23.50
N LEU B 277 -27.16 7.52 -24.56
CA LEU B 277 -27.79 7.73 -25.86
C LEU B 277 -28.05 6.42 -26.62
N THR B 278 -27.83 5.26 -25.98
CA THR B 278 -28.26 4.02 -26.61
C THR B 278 -29.77 3.90 -26.61
N ILE B 279 -30.44 4.65 -25.73
CA ILE B 279 -31.91 4.65 -25.66
C ILE B 279 -32.39 5.84 -26.49
N LYS B 280 -33.20 5.57 -27.51
CA LYS B 280 -33.65 6.56 -28.47
C LYS B 280 -35.01 7.08 -28.08
N PRO B 281 -35.44 8.19 -28.69
CA PRO B 281 -36.77 8.73 -28.35
C PRO B 281 -37.88 7.70 -28.53
N GLY B 282 -38.73 7.64 -27.52
CA GLY B 282 -39.87 6.76 -27.55
C GLY B 282 -39.60 5.40 -26.96
N GLU B 283 -38.38 5.14 -26.51
CA GLU B 283 -37.97 3.82 -26.03
C GLU B 283 -37.91 3.68 -24.51
N HIS B 284 -38.15 4.74 -23.74
CA HIS B 284 -38.15 4.58 -22.30
C HIS B 284 -38.72 5.84 -21.67
N GLY B 285 -39.27 5.71 -20.47
CA GLY B 285 -39.74 6.94 -19.78
C GLY B 285 -40.74 6.54 -18.70
N SER B 286 -41.65 7.47 -18.45
CA SER B 286 -42.52 7.39 -17.27
C SER B 286 -43.46 8.58 -17.20
N THR B 287 -44.73 8.44 -16.76
CA THR B 287 -45.60 9.61 -16.81
C THR B 287 -45.01 10.74 -16.00
N TYR B 288 -44.68 10.45 -14.73
CA TYR B 288 -44.24 11.51 -13.82
C TYR B 288 -42.74 11.78 -13.85
N GLY B 289 -41.94 10.97 -14.54
CA GLY B 289 -40.49 11.23 -14.47
C GLY B 289 -40.11 12.59 -15.04
N GLY B 290 -39.34 13.39 -14.30
CA GLY B 290 -38.91 14.73 -14.78
C GLY B 290 -39.95 15.80 -14.67
N ASN B 291 -41.04 15.57 -13.95
CA ASN B 291 -42.04 16.63 -13.80
C ASN B 291 -41.47 17.87 -13.07
N PRO B 292 -42.02 19.05 -13.31
CA PRO B 292 -41.37 20.25 -12.80
C PRO B 292 -41.46 20.39 -11.28
N LEU B 293 -42.47 19.78 -10.63
CA LEU B 293 -42.61 19.89 -9.20
C LEU B 293 -41.51 19.09 -8.50
N GLY B 294 -41.38 17.82 -8.86
CA GLY B 294 -40.25 17.05 -8.37
C GLY B 294 -38.91 17.68 -8.68
N CYS B 295 -38.76 18.32 -9.85
CA CYS B 295 -37.45 18.88 -10.17
C CYS B 295 -37.11 20.05 -9.24
N ARG B 296 -38.09 20.92 -8.99
CA ARG B 296 -37.81 22.04 -8.08
C ARG B 296 -37.44 21.53 -6.69
N VAL B 297 -38.15 20.49 -6.24
CA VAL B 297 -37.89 19.91 -4.94
C VAL B 297 -36.48 19.33 -4.89
N ALA B 298 -36.08 18.61 -5.96
CA ALA B 298 -34.77 17.98 -5.97
C ALA B 298 -33.64 19.00 -6.02
N ILE B 299 -33.82 20.12 -6.75
CA ILE B 299 -32.77 21.13 -6.74
C ILE B 299 -32.54 21.62 -5.32
N ALA B 300 -33.63 21.89 -4.61
CA ALA B 300 -33.51 22.43 -3.27
C ALA B 300 -32.92 21.38 -2.33
N ALA B 301 -33.31 20.11 -2.49
CA ALA B 301 -32.81 19.09 -1.59
C ALA B 301 -31.31 18.89 -1.75
N LEU B 302 -30.82 18.98 -2.98
CA LEU B 302 -29.38 18.86 -3.22
C LEU B 302 -28.67 20.09 -2.68
N GLU B 303 -29.29 21.28 -2.85
CA GLU B 303 -28.69 22.50 -2.32
C GLU B 303 -28.48 22.40 -0.80
N VAL B 304 -29.47 21.87 -0.07
CA VAL B 304 -29.37 21.72 1.38
C VAL B 304 -28.17 20.85 1.76
N LEU B 305 -28.00 19.72 1.08
CA LEU B 305 -26.89 18.84 1.40
C LEU B 305 -25.56 19.56 1.23
N GLU B 306 -25.42 20.36 0.18
CA GLU B 306 -24.16 21.04 -0.06
C GLU B 306 -23.99 22.23 0.89
N GLU B 307 -24.99 23.10 0.94
CA GLU B 307 -24.84 24.35 1.72
C GLU B 307 -24.69 24.09 3.21
N GLU B 308 -25.29 23.04 3.74
CA GLU B 308 -25.17 22.72 5.16
C GLU B 308 -24.04 21.73 5.43
N ASN B 309 -23.26 21.39 4.41
CA ASN B 309 -22.11 20.50 4.53
C ASN B 309 -22.45 19.23 5.31
N LEU B 310 -23.54 18.58 4.90
CA LEU B 310 -24.04 17.49 5.70
C LEU B 310 -23.20 16.21 5.56
N ALA B 311 -22.44 16.05 4.46
CA ALA B 311 -21.52 14.90 4.39
C ALA B 311 -20.43 15.01 5.45
N GLU B 312 -19.88 16.21 5.64
CA GLU B 312 -18.87 16.40 6.66
C GLU B 312 -19.42 16.12 8.04
N ASN B 313 -20.65 16.62 8.32
CA ASN B 313 -21.29 16.34 9.61
C ASN B 313 -21.50 14.85 9.81
N ALA B 314 -21.93 14.16 8.74
CA ALA B 314 -22.23 12.73 8.84
C ALA B 314 -20.96 11.92 9.12
N ASP B 315 -19.86 12.31 8.49
CA ASP B 315 -18.58 11.65 8.74
C ASP B 315 -18.15 11.87 10.18
N LYS B 316 -18.17 13.13 10.65
CA LYS B 316 -17.66 13.38 11.99
C LYS B 316 -18.54 12.74 13.06
N LEU B 317 -19.86 12.81 12.91
CA LEU B 317 -20.73 12.27 13.94
C LEU B 317 -20.86 10.76 13.86
N GLY B 318 -20.71 10.18 12.68
CA GLY B 318 -20.64 8.73 12.60
C GLY B 318 -19.47 8.16 13.39
N ILE B 319 -18.31 8.81 13.34
CA ILE B 319 -17.15 8.32 14.08
C ILE B 319 -17.48 8.30 15.58
N ILE B 320 -18.16 9.34 16.04
CA ILE B 320 -18.56 9.42 17.44
C ILE B 320 -19.56 8.32 17.77
N LEU B 321 -20.58 8.16 16.91
CA LEU B 321 -21.60 7.14 17.16
C LEU B 321 -20.98 5.74 17.21
N ARG B 322 -20.09 5.40 16.28
CA ARG B 322 -19.56 4.05 16.31
C ARG B 322 -18.65 3.85 17.51
N ASN B 323 -17.89 4.88 17.88
CA ASN B 323 -16.99 4.73 19.01
C ASN B 323 -17.78 4.50 20.30
N GLU B 324 -18.91 5.18 20.46
CA GLU B 324 -19.66 4.99 21.68
C GLU B 324 -20.34 3.63 21.70
N LEU B 325 -20.99 3.22 20.59
CA LEU B 325 -21.60 1.89 20.57
C LEU B 325 -20.58 0.78 20.80
N MET B 326 -19.33 0.96 20.37
CA MET B 326 -18.35 -0.07 20.71
C MET B 326 -18.02 -0.15 22.20
N LYS B 327 -18.49 0.80 23.02
CA LYS B 327 -18.23 0.65 24.45
C LYS B 327 -19.23 -0.29 25.10
N LEU B 328 -20.25 -0.73 24.37
CA LEU B 328 -21.22 -1.66 24.92
C LEU B 328 -20.58 -3.06 25.03
N PRO B 329 -20.94 -3.82 26.07
CA PRO B 329 -20.29 -5.11 26.31
C PRO B 329 -20.47 -6.07 25.15
N SER B 330 -19.52 -7.00 25.05
CA SER B 330 -19.46 -7.94 23.94
C SER B 330 -20.45 -9.09 24.08
N ASP B 331 -20.94 -9.35 25.29
CA ASP B 331 -21.94 -10.38 25.47
C ASP B 331 -23.31 -9.93 25.00
N VAL B 332 -23.49 -8.66 24.65
CA VAL B 332 -24.78 -8.15 24.21
C VAL B 332 -24.72 -7.59 22.79
N VAL B 333 -23.71 -6.76 22.50
CA VAL B 333 -23.46 -6.26 21.15
C VAL B 333 -22.21 -6.95 20.61
N THR B 334 -22.39 -7.66 19.50
CA THR B 334 -21.41 -8.51 18.87
C THR B 334 -20.60 -7.78 17.80
N ALA B 335 -21.18 -6.77 17.16
CA ALA B 335 -20.46 -6.03 16.15
C ALA B 335 -21.11 -4.67 15.97
N VAL B 336 -20.30 -3.72 15.54
CA VAL B 336 -20.74 -2.38 15.21
C VAL B 336 -20.19 -2.09 13.83
N ARG B 337 -21.05 -1.68 12.90
CA ARG B 337 -20.50 -1.38 11.59
C ARG B 337 -21.22 -0.21 10.95
N GLY B 338 -20.59 0.35 9.94
CA GLY B 338 -21.17 1.48 9.22
C GLY B 338 -20.10 2.41 8.69
N LYS B 339 -20.55 3.36 7.86
CA LYS B 339 -19.78 4.52 7.48
C LYS B 339 -20.66 5.75 7.64
N GLY B 340 -20.07 6.83 8.11
CA GLY B 340 -20.90 8.02 8.24
C GLY B 340 -22.06 7.77 9.18
N LEU B 341 -23.26 8.21 8.77
CA LEU B 341 -24.45 7.97 9.58
C LEU B 341 -25.29 6.81 9.04
N LEU B 342 -24.68 5.86 8.35
CA LEU B 342 -25.35 4.60 8.02
C LEU B 342 -24.65 3.53 8.85
N ASN B 343 -25.28 3.07 9.92
CA ASN B 343 -24.62 2.22 10.90
C ASN B 343 -25.57 1.13 11.35
N ALA B 344 -25.00 0.09 11.94
CA ALA B 344 -25.82 -0.94 12.54
C ALA B 344 -25.07 -1.57 13.69
N ILE B 345 -25.83 -2.16 14.60
CA ILE B 345 -25.26 -3.03 15.64
C ILE B 345 -25.86 -4.42 15.48
N VAL B 346 -25.04 -5.42 15.80
CA VAL B 346 -25.49 -6.81 15.82
C VAL B 346 -25.66 -7.22 17.28
N ILE B 347 -26.87 -7.69 17.61
CA ILE B 347 -27.30 -8.14 18.93
C ILE B 347 -26.99 -9.61 19.11
N LYS B 348 -26.68 -10.04 20.32
CA LYS B 348 -26.58 -11.48 20.59
C LYS B 348 -27.97 -11.99 20.95
N GLU B 349 -28.73 -12.39 19.93
CA GLU B 349 -30.10 -12.87 20.11
C GLU B 349 -30.12 -14.16 20.91
N THR B 350 -31.17 -14.33 21.72
CA THR B 350 -31.42 -15.55 22.47
C THR B 350 -32.82 -16.07 22.11
N LYS B 351 -33.24 -17.12 22.84
CA LYS B 351 -34.60 -17.65 22.70
C LYS B 351 -35.63 -16.54 22.81
N ASP B 352 -35.42 -15.62 23.75
CA ASP B 352 -36.39 -14.59 24.09
C ASP B 352 -36.03 -13.20 23.58
N TRP B 353 -34.77 -12.79 23.69
CA TRP B 353 -34.39 -11.41 23.47
C TRP B 353 -33.89 -11.23 22.06
N ASP B 354 -34.47 -10.28 21.34
CA ASP B 354 -34.19 -10.09 19.92
C ASP B 354 -34.25 -8.60 19.62
N ALA B 355 -34.00 -8.27 18.35
CA ALA B 355 -33.89 -6.87 17.95
C ALA B 355 -35.23 -6.15 17.97
N TRP B 356 -36.32 -6.84 17.64
CA TRP B 356 -37.65 -6.24 17.72
C TRP B 356 -37.96 -5.79 19.15
N LYS B 357 -37.69 -6.65 20.11
CA LYS B 357 -37.86 -6.27 21.52
C LYS B 357 -37.03 -5.06 21.87
N VAL B 358 -35.80 -4.98 21.35
CA VAL B 358 -34.96 -3.83 21.64
C VAL B 358 -35.58 -2.57 21.04
N CYS B 359 -36.08 -2.67 19.81
CA CYS B 359 -36.66 -1.49 19.18
C CYS B 359 -37.96 -1.06 19.84
N LEU B 360 -38.77 -2.00 20.34
CA LEU B 360 -39.94 -1.58 21.14
C LEU B 360 -39.52 -0.75 22.34
N ARG B 361 -38.50 -1.20 23.06
CA ARG B 361 -38.09 -0.45 24.23
C ARG B 361 -37.42 0.87 23.86
N LEU B 362 -36.61 0.91 22.79
CA LEU B 362 -36.11 2.19 22.30
C LEU B 362 -37.27 3.15 22.07
N ARG B 363 -38.32 2.67 21.39
CA ARG B 363 -39.51 3.48 21.18
C ARG B 363 -40.06 4.00 22.49
N ASP B 364 -40.21 3.13 23.47
CA ASP B 364 -40.69 3.57 24.78
C ASP B 364 -39.83 4.67 25.39
N ASN B 365 -38.54 4.72 25.06
CA ASN B 365 -37.61 5.70 25.57
C ASN B 365 -37.34 6.86 24.61
N GLY B 366 -38.15 7.03 23.57
CA GLY B 366 -38.10 8.23 22.77
C GLY B 366 -37.19 8.21 21.55
N LEU B 367 -36.90 7.03 21.00
CA LEU B 367 -36.00 6.85 19.86
C LEU B 367 -36.57 5.76 18.96
N LEU B 368 -36.63 6.03 17.66
CA LEU B 368 -37.27 5.13 16.70
C LEU B 368 -36.20 4.49 15.80
N ALA B 369 -36.19 3.17 15.80
CA ALA B 369 -35.27 2.39 14.95
C ALA B 369 -35.95 1.08 14.60
N LYS B 370 -35.51 0.44 13.52
CA LYS B 370 -36.13 -0.84 13.18
C LYS B 370 -35.07 -1.87 12.89
N PRO B 371 -35.30 -3.13 13.23
CA PRO B 371 -34.33 -4.16 12.87
C PRO B 371 -34.38 -4.46 11.39
N THR B 372 -33.22 -4.87 10.85
CA THR B 372 -33.14 -5.48 9.52
C THR B 372 -33.10 -7.01 9.61
N HIS B 373 -32.75 -7.56 10.78
CA HIS B 373 -32.68 -9.01 11.00
C HIS B 373 -32.98 -9.25 12.46
N GLY B 374 -33.25 -10.52 12.82
CA GLY B 374 -33.52 -10.82 14.22
C GLY B 374 -32.41 -10.39 15.17
N ASP B 375 -31.21 -10.13 14.66
CA ASP B 375 -30.08 -9.73 15.48
C ASP B 375 -29.42 -8.44 15.01
N ILE B 376 -30.01 -7.72 14.05
CA ILE B 376 -29.34 -6.53 13.52
C ILE B 376 -30.28 -5.34 13.60
N ILE B 377 -29.83 -4.27 14.24
CA ILE B 377 -30.57 -3.00 14.35
C ILE B 377 -29.83 -1.90 13.59
N ARG B 378 -30.55 -1.19 12.74
CA ARG B 378 -29.93 -0.10 11.99
C ARG B 378 -30.11 1.23 12.72
N PHE B 379 -29.04 2.02 12.71
CA PHE B 379 -29.04 3.34 13.33
C PHE B 379 -28.68 4.35 12.24
N ALA B 380 -29.65 5.17 11.84
CA ALA B 380 -29.46 6.10 10.73
C ALA B 380 -30.31 7.35 10.93
N PRO B 381 -29.83 8.30 11.72
CA PRO B 381 -30.61 9.53 11.97
C PRO B 381 -30.41 10.54 10.86
N PRO B 382 -31.26 11.56 10.75
CA PRO B 382 -31.04 12.58 9.72
C PRO B 382 -29.70 13.28 9.93
N LEU B 383 -29.11 13.72 8.81
CA LEU B 383 -27.75 14.25 8.83
C LEU B 383 -27.68 15.66 9.41
N VAL B 384 -28.82 16.30 9.73
CA VAL B 384 -28.85 17.63 10.34
C VAL B 384 -28.77 17.50 11.86
N ILE B 385 -28.55 16.29 12.35
CA ILE B 385 -28.42 16.12 13.79
C ILE B 385 -27.13 16.75 14.27
N LYS B 386 -27.19 17.36 15.45
CA LYS B 386 -26.05 17.98 16.09
C LYS B 386 -25.42 17.04 17.11
N GLU B 387 -24.22 17.40 17.56
CA GLU B 387 -23.50 16.49 18.44
C GLU B 387 -24.24 16.31 19.76
N ASP B 388 -24.76 17.39 20.35
CA ASP B 388 -25.44 17.21 21.64
C ASP B 388 -26.67 16.31 21.49
N GLU B 389 -27.41 16.50 20.39
CA GLU B 389 -28.57 15.66 20.11
C GLU B 389 -28.14 14.22 19.91
N LEU B 390 -27.02 14.01 19.23
CA LEU B 390 -26.54 12.64 19.04
C LEU B 390 -26.15 11.99 20.36
N ARG B 391 -25.46 12.75 21.24
CA ARG B 391 -25.03 12.18 22.52
C ARG B 391 -26.23 11.86 23.40
N GLU B 392 -27.25 12.72 23.38
CA GLU B 392 -28.50 12.38 24.04
C GLU B 392 -29.07 11.07 23.51
N SER B 393 -29.07 10.91 22.19
CA SER B 393 -29.58 9.68 21.56
C SER B 393 -28.76 8.47 21.97
N ILE B 394 -27.43 8.61 21.96
CA ILE B 394 -26.54 7.52 22.39
C ILE B 394 -26.84 7.10 23.82
N GLU B 395 -27.11 8.07 24.70
CA GLU B 395 -27.45 7.71 26.06
C GLU B 395 -28.74 6.90 26.10
N ILE B 396 -29.72 7.25 25.26
CA ILE B 396 -30.96 6.49 25.20
C ILE B 396 -30.68 5.06 24.73
N ILE B 397 -29.83 4.90 23.73
CA ILE B 397 -29.51 3.57 23.24
C ILE B 397 -28.81 2.76 24.33
N ASN B 398 -27.92 3.40 25.09
CA ASN B 398 -27.18 2.70 26.14
C ASN B 398 -28.11 2.18 27.22
N LYS B 399 -28.92 3.06 27.82
CA LYS B 399 -29.82 2.61 28.89
C LYS B 399 -30.73 1.50 28.41
N THR B 400 -31.27 1.64 27.19
CA THR B 400 -32.19 0.65 26.66
C THR B 400 -31.52 -0.72 26.54
N ILE B 401 -30.37 -0.77 25.87
CA ILE B 401 -29.66 -2.04 25.68
C ILE B 401 -29.28 -2.66 27.02
N LEU B 402 -28.76 -1.85 27.94
CA LEU B 402 -28.29 -2.38 29.22
C LEU B 402 -29.42 -2.64 30.18
N SER B 403 -30.62 -2.17 29.87
CA SER B 403 -31.79 -2.45 30.69
C SER B 403 -32.30 -3.88 30.55
N PHE B 404 -31.81 -4.64 29.58
CA PHE B 404 -32.27 -6.03 29.45
C PHE B 404 -31.43 -6.99 30.29
N GLY C 1 29.77 -5.81 -50.17
CA GLY C 1 28.48 -6.10 -49.59
C GLY C 1 28.14 -5.32 -48.33
N PRO C 2 26.94 -5.54 -47.79
CA PRO C 2 26.50 -4.78 -46.62
C PRO C 2 27.11 -5.36 -45.36
N PRO C 3 27.31 -4.53 -44.32
CA PRO C 3 27.84 -5.07 -43.06
C PRO C 3 26.99 -6.22 -42.52
N THR C 4 27.67 -7.29 -42.12
CA THR C 4 27.09 -8.33 -41.28
C THR C 4 26.82 -7.79 -39.87
N SER C 5 26.10 -8.60 -39.08
CA SER C 5 25.86 -8.20 -37.70
C SER C 5 27.19 -8.02 -36.98
N ASP C 6 28.12 -8.98 -37.14
CA ASP C 6 29.42 -8.87 -36.47
C ASP C 6 30.17 -7.63 -36.92
N ASP C 7 30.03 -7.25 -38.20
CA ASP C 7 30.63 -6.01 -38.66
C ASP C 7 30.07 -4.82 -37.88
N ILE C 8 28.74 -4.79 -37.72
CA ILE C 8 28.14 -3.64 -37.05
C ILE C 8 28.58 -3.59 -35.60
N PHE C 9 28.65 -4.74 -34.92
CA PHE C 9 29.11 -4.74 -33.54
C PHE C 9 30.49 -4.16 -33.47
N GLU C 10 31.36 -4.60 -34.38
CA GLU C 10 32.78 -4.29 -34.31
C GLU C 10 33.01 -2.81 -34.58
N ARG C 11 32.21 -2.21 -35.47
CA ARG C 11 32.40 -0.81 -35.79
C ARG C 11 32.01 0.09 -34.62
N GLU C 12 30.89 -0.21 -33.94
CA GLU C 12 30.55 0.59 -32.75
C GLU C 12 31.56 0.41 -31.65
N TYR C 13 32.17 -0.78 -31.54
CA TYR C 13 33.19 -0.97 -30.53
C TYR C 13 34.38 -0.07 -30.76
N LYS C 14 34.70 0.20 -32.04
CA LYS C 14 35.85 1.06 -32.34
C LYS C 14 35.53 2.53 -32.19
N TYR C 15 34.37 2.97 -32.67
CA TYR C 15 34.13 4.41 -32.80
C TYR C 15 33.10 4.96 -31.84
N GLY C 16 32.43 4.13 -31.06
CA GLY C 16 31.39 4.59 -30.17
C GLY C 16 31.80 4.38 -28.73
N ALA C 17 31.32 5.26 -27.82
CA ALA C 17 31.49 5.02 -26.39
C ALA C 17 30.94 3.64 -26.01
N HIS C 18 31.53 3.06 -24.97
CA HIS C 18 31.13 1.75 -24.43
C HIS C 18 30.16 1.90 -23.26
N ASN C 19 29.20 2.79 -23.35
CA ASN C 19 28.32 3.01 -22.21
C ASN C 19 27.13 2.07 -22.22
N TYR C 20 27.04 1.19 -23.23
CA TYR C 20 26.04 0.14 -23.31
C TYR C 20 26.71 -1.18 -23.67
N HIS C 21 26.08 -2.29 -23.27
CA HIS C 21 26.43 -3.64 -23.75
C HIS C 21 25.11 -4.22 -24.28
N PRO C 22 24.75 -3.88 -25.50
CA PRO C 22 23.45 -4.29 -26.05
C PRO C 22 23.38 -5.79 -26.25
N LEU C 23 22.15 -6.29 -26.33
CA LEU C 23 21.99 -7.68 -26.77
C LEU C 23 22.50 -7.80 -28.21
N PRO C 24 23.34 -8.83 -28.54
CA PRO C 24 23.91 -8.94 -29.89
C PRO C 24 22.91 -9.28 -31.00
N VAL C 25 22.22 -8.25 -31.48
CA VAL C 25 21.34 -8.33 -32.64
C VAL C 25 21.37 -6.96 -33.30
N ALA C 26 21.36 -6.95 -34.63
CA ALA C 26 21.63 -5.73 -35.38
C ALA C 26 20.44 -5.45 -36.30
N LEU C 27 19.55 -4.53 -35.89
CA LEU C 27 18.28 -4.27 -36.57
C LEU C 27 18.40 -3.18 -37.63
N GLU C 28 17.65 -3.34 -38.74
CA GLU C 28 17.63 -2.31 -39.77
C GLU C 28 16.21 -1.89 -40.20
N ARG C 29 15.17 -2.57 -39.75
CA ARG C 29 13.79 -2.21 -40.09
C ARG C 29 12.88 -2.62 -38.95
N GLY C 30 11.86 -1.82 -38.71
CA GLY C 30 10.81 -2.19 -37.80
C GLY C 30 9.47 -1.73 -38.33
N LYS C 31 8.42 -2.48 -37.97
CA LYS C 31 7.08 -2.09 -38.37
C LYS C 31 6.11 -2.72 -37.41
N GLY C 32 5.33 -1.92 -36.70
CA GLY C 32 4.37 -2.52 -35.77
C GLY C 32 5.12 -3.21 -34.64
N ILE C 33 4.76 -4.48 -34.38
CA ILE C 33 5.38 -5.23 -33.30
C ILE C 33 6.69 -5.89 -33.73
N TYR C 34 7.10 -5.77 -35.00
CA TYR C 34 8.20 -6.56 -35.52
C TYR C 34 9.44 -5.72 -35.80
N LEU C 35 10.60 -6.38 -35.65
CA LEU C 35 11.89 -5.86 -36.04
C LEU C 35 12.59 -6.89 -36.91
N TRP C 36 13.43 -6.41 -37.83
CA TRP C 36 14.20 -7.29 -38.72
C TRP C 36 15.68 -6.94 -38.62
N ASP C 37 16.53 -7.96 -38.56
CA ASP C 37 17.96 -7.70 -38.50
C ASP C 37 18.56 -7.71 -39.92
N VAL C 38 19.86 -7.40 -40.02
CA VAL C 38 20.48 -7.19 -41.32
C VAL C 38 20.59 -8.50 -42.09
N GLU C 39 20.50 -9.64 -41.40
CA GLU C 39 20.47 -10.91 -42.11
C GLU C 39 19.06 -11.28 -42.53
N GLY C 40 18.08 -10.44 -42.18
CA GLY C 40 16.72 -10.67 -42.60
C GLY C 40 15.86 -11.42 -41.61
N ARG C 41 16.38 -11.77 -40.44
CA ARG C 41 15.58 -12.52 -39.50
C ARG C 41 14.55 -11.58 -38.89
N LYS C 42 13.38 -12.13 -38.56
CA LYS C 42 12.24 -11.37 -38.04
C LYS C 42 12.09 -11.65 -36.55
N TYR C 43 11.75 -10.63 -35.76
CA TYR C 43 11.66 -10.77 -34.31
C TYR C 43 10.43 -10.04 -33.82
N PHE C 44 9.76 -10.63 -32.82
CA PHE C 44 8.83 -9.86 -32.01
C PHE C 44 9.63 -8.91 -31.12
N ASP C 45 9.21 -7.65 -31.08
CA ASP C 45 9.81 -6.67 -30.19
C ASP C 45 9.08 -6.72 -28.85
N PHE C 46 9.75 -7.25 -27.83
CA PHE C 46 9.17 -7.25 -26.47
C PHE C 46 9.87 -6.29 -25.54
N LEU C 47 10.52 -5.27 -26.08
CA LEU C 47 11.08 -4.20 -25.26
C LEU C 47 10.43 -2.84 -25.55
N SER C 48 9.97 -2.65 -26.79
CA SER C 48 9.34 -1.43 -27.24
C SER C 48 10.23 -0.23 -26.99
N SER C 49 11.55 -0.42 -27.17
CA SER C 49 12.48 0.70 -27.03
C SER C 49 12.31 1.40 -25.68
N TYR C 50 12.22 0.58 -24.62
CA TYR C 50 12.02 1.10 -23.26
C TYR C 50 10.70 1.89 -23.12
N SER C 51 9.65 1.38 -23.76
CA SER C 51 8.27 1.87 -23.77
C SER C 51 8.12 3.20 -24.51
N ALA C 52 8.90 3.43 -25.56
CA ALA C 52 8.75 4.59 -26.43
C ALA C 52 8.00 4.28 -27.72
N VAL C 53 7.93 2.99 -28.13
CA VAL C 53 7.19 2.66 -29.35
C VAL C 53 5.92 1.90 -28.99
N ASN C 54 5.14 2.45 -28.05
CA ASN C 54 3.80 1.90 -27.73
C ASN C 54 2.91 1.71 -28.95
N GLN C 55 3.00 2.61 -29.94
CA GLN C 55 2.17 2.57 -31.14
C GLN C 55 2.70 1.62 -32.21
N GLY C 56 3.77 0.89 -31.88
CA GLY C 56 4.48 0.10 -32.87
C GLY C 56 5.49 0.92 -33.64
N HIS C 57 6.47 0.24 -34.24
CA HIS C 57 7.48 0.94 -35.03
C HIS C 57 6.86 1.60 -36.27
N CYS C 58 7.25 2.86 -36.51
CA CYS C 58 6.94 3.52 -37.79
C CYS C 58 5.44 3.51 -38.05
N HIS C 59 4.67 3.89 -37.03
CA HIS C 59 3.22 3.97 -37.23
C HIS C 59 2.92 4.94 -38.37
N PRO C 60 2.17 4.53 -39.41
CA PRO C 60 1.99 5.41 -40.57
C PRO C 60 1.36 6.76 -40.24
N LYS C 61 0.49 6.88 -39.23
CA LYS C 61 -0.10 8.19 -39.01
C LYS C 61 0.94 9.13 -38.44
N ILE C 62 1.86 8.60 -37.65
CA ILE C 62 2.89 9.45 -37.08
C ILE C 62 3.96 9.75 -38.11
N VAL C 63 4.29 8.75 -38.94
CA VAL C 63 5.21 8.99 -40.05
C VAL C 63 4.63 10.08 -40.96
N ASN C 64 3.32 10.05 -41.21
CA ASN C 64 2.73 11.00 -42.13
C ASN C 64 2.83 12.41 -41.55
N ALA C 65 2.59 12.54 -40.23
CA ALA C 65 2.72 13.85 -39.57
C ALA C 65 4.15 14.40 -39.67
N LEU C 66 5.16 13.55 -39.44
CA LEU C 66 6.54 14.01 -39.56
C LEU C 66 6.84 14.48 -40.98
N LYS C 67 6.48 13.67 -41.99
CA LYS C 67 6.82 14.04 -43.36
C LYS C 67 6.08 15.30 -43.78
N SER C 68 4.84 15.48 -43.34
CA SER C 68 4.12 16.67 -43.78
C SER C 68 4.76 17.93 -43.20
N GLN C 69 5.15 17.87 -41.94
CA GLN C 69 5.68 19.04 -41.29
C GLN C 69 7.13 19.30 -41.68
N VAL C 70 7.93 18.25 -41.92
CA VAL C 70 9.34 18.44 -42.26
C VAL C 70 9.55 19.27 -43.52
N ASP C 71 8.55 19.33 -44.41
CA ASP C 71 8.65 20.16 -45.60
C ASP C 71 8.34 21.63 -45.32
N LYS C 72 7.79 21.96 -44.16
CA LYS C 72 7.28 23.32 -43.92
C LYS C 72 8.18 24.11 -43.00
N LEU C 73 8.48 23.54 -41.85
CA LEU C 73 9.22 24.27 -40.81
C LEU C 73 9.53 23.31 -39.67
N THR C 74 10.80 23.26 -39.17
CA THR C 74 11.15 22.31 -38.11
C THR C 74 11.60 22.97 -36.81
N LEU C 75 12.22 24.16 -36.88
CA LEU C 75 12.75 24.73 -35.64
C LEU C 75 12.91 26.23 -35.81
N THR C 76 12.17 27.02 -35.01
CA THR C 76 12.42 28.46 -34.99
C THR C 76 13.25 28.87 -33.79
N SER C 77 13.37 27.99 -32.79
CA SER C 77 13.70 28.29 -31.40
C SER C 77 12.59 29.09 -30.75
N ARG C 78 12.68 29.22 -29.43
CA ARG C 78 11.64 29.92 -28.70
C ARG C 78 11.91 31.41 -28.67
N ALA C 79 12.88 31.89 -29.45
CA ALA C 79 13.03 33.33 -29.62
C ALA C 79 11.81 33.93 -30.29
N PHE C 80 11.10 33.10 -31.06
CA PHE C 80 9.92 33.48 -31.86
C PHE C 80 8.82 32.45 -31.59
N TYR C 81 7.60 32.76 -32.01
CA TYR C 81 6.54 31.76 -31.98
C TYR C 81 6.52 30.95 -33.28
N ASN C 82 6.15 29.68 -33.16
CA ASN C 82 5.77 28.91 -34.32
C ASN C 82 4.28 28.60 -34.21
N ASN C 83 3.65 28.31 -35.32
CA ASN C 83 2.20 28.22 -35.31
C ASN C 83 1.68 26.92 -34.73
N VAL C 84 2.54 25.92 -34.53
CA VAL C 84 2.08 24.57 -34.14
C VAL C 84 2.03 24.40 -32.62
N LEU C 85 2.97 24.98 -31.88
CA LEU C 85 3.10 24.65 -30.46
C LEU C 85 1.78 24.87 -29.70
N GLY C 86 1.08 25.98 -29.94
CA GLY C 86 -0.13 26.20 -29.17
C GLY C 86 -1.26 25.24 -29.51
N GLU C 87 -1.30 24.75 -30.76
CA GLU C 87 -2.28 23.72 -31.11
C GLU C 87 -2.03 22.47 -30.27
N TYR C 88 -0.78 22.03 -30.21
CA TYR C 88 -0.39 20.90 -29.36
C TYR C 88 -0.66 21.20 -27.88
N GLU C 89 -0.33 22.40 -27.39
CA GLU C 89 -0.54 22.68 -25.96
C GLU C 89 -2.03 22.62 -25.61
N GLU C 90 -2.89 23.19 -26.46
CA GLU C 90 -4.32 23.07 -26.19
C GLU C 90 -4.74 21.61 -26.20
N TYR C 91 -4.25 20.85 -27.17
CA TYR C 91 -4.67 19.45 -27.30
C TYR C 91 -4.29 18.63 -26.07
N ILE C 92 -3.03 18.70 -25.66
CA ILE C 92 -2.55 17.82 -24.58
C ILE C 92 -3.07 18.28 -23.22
N THR C 93 -3.19 19.59 -23.00
CA THR C 93 -3.72 20.00 -21.69
C THR C 93 -5.18 19.63 -21.57
N LYS C 94 -5.92 19.63 -22.67
CA LYS C 94 -7.31 19.25 -22.53
C LYS C 94 -7.47 17.74 -22.37
N LEU C 95 -6.63 16.96 -23.03
CA LEU C 95 -6.63 15.50 -22.87
C LEU C 95 -6.38 15.08 -21.42
N PHE C 96 -5.37 15.64 -20.79
CA PHE C 96 -5.02 15.25 -19.42
C PHE C 96 -5.64 16.12 -18.35
N ASN C 97 -6.30 17.22 -18.72
CA ASN C 97 -7.04 18.11 -17.82
C ASN C 97 -6.14 18.79 -16.78
N TYR C 98 -5.09 19.43 -17.26
CA TYR C 98 -4.29 20.37 -16.48
C TYR C 98 -4.35 21.72 -17.19
N HIS C 99 -4.06 22.81 -16.49
CA HIS C 99 -4.12 24.10 -17.19
C HIS C 99 -3.09 24.21 -18.31
N LYS C 100 -1.87 23.73 -18.07
CA LYS C 100 -0.75 24.10 -18.92
C LYS C 100 0.24 22.97 -19.07
N VAL C 101 1.06 23.10 -20.09
CA VAL C 101 2.15 22.16 -20.32
C VAL C 101 3.39 22.98 -20.54
N LEU C 102 4.54 22.42 -20.12
CA LEU C 102 5.86 22.95 -20.45
C LEU C 102 6.55 21.91 -21.33
N PRO C 103 6.89 22.24 -22.57
CA PRO C 103 7.46 21.24 -23.48
C PRO C 103 8.96 21.15 -23.34
N MET C 104 9.45 19.92 -23.30
CA MET C 104 10.88 19.63 -23.29
C MET C 104 11.14 18.50 -24.29
N ASN C 105 12.36 17.95 -24.34
CA ASN C 105 12.70 16.97 -25.35
C ASN C 105 12.82 15.58 -24.77
N THR C 106 13.64 15.38 -23.75
CA THR C 106 13.90 14.04 -23.25
C THR C 106 13.22 13.87 -21.90
N GLY C 107 13.11 12.61 -21.50
CA GLY C 107 12.44 12.30 -20.25
C GLY C 107 13.16 12.93 -19.07
N VAL C 108 14.49 12.82 -19.02
CA VAL C 108 15.19 13.42 -17.88
C VAL C 108 15.00 14.94 -17.86
N GLU C 109 14.87 15.57 -19.04
CA GLU C 109 14.61 17.02 -19.03
C GLU C 109 13.26 17.32 -18.40
N ALA C 110 12.28 16.42 -18.61
CA ALA C 110 10.99 16.65 -17.95
C ALA C 110 11.15 16.49 -16.44
N GLY C 111 11.94 15.53 -16.00
CA GLY C 111 12.17 15.40 -14.55
C GLY C 111 12.92 16.59 -13.95
N GLU C 112 13.97 17.08 -14.64
CA GLU C 112 14.67 18.28 -14.18
C GLU C 112 13.72 19.46 -14.08
N THR C 113 12.88 19.61 -15.12
CA THR C 113 11.87 20.68 -15.10
C THR C 113 10.97 20.54 -13.88
N ALA C 114 10.53 19.33 -13.57
CA ALA C 114 9.63 19.11 -12.44
C ALA C 114 10.33 19.46 -11.10
N CYS C 115 11.62 19.10 -10.96
CA CYS C 115 12.38 19.49 -9.77
C CYS C 115 12.52 21.00 -9.65
N LYS C 116 12.74 21.70 -10.78
CA LYS C 116 12.83 23.16 -10.78
C LYS C 116 11.50 23.81 -10.41
N LEU C 117 10.38 23.29 -10.97
CA LEU C 117 9.05 23.76 -10.55
C LEU C 117 8.82 23.51 -9.06
N ALA C 118 9.09 22.28 -8.57
CA ALA C 118 8.84 21.99 -7.15
C ALA C 118 9.63 22.93 -6.27
N ARG C 119 10.89 23.19 -6.64
CA ARG C 119 11.69 24.06 -5.78
C ARG C 119 11.17 25.49 -5.87
N LYS C 120 10.90 25.96 -7.10
CA LYS C 120 10.50 27.36 -7.22
C LYS C 120 9.15 27.60 -6.55
N TRP C 121 8.24 26.64 -6.70
CA TRP C 121 6.96 26.72 -6.00
C TRP C 121 7.19 26.62 -4.51
N GLY C 122 8.08 25.72 -4.09
CA GLY C 122 8.39 25.64 -2.66
C GLY C 122 8.88 26.96 -2.08
N TYR C 123 9.77 27.65 -2.80
CA TYR C 123 10.27 28.92 -2.28
C TYR C 123 9.26 30.04 -2.42
N THR C 124 8.60 30.16 -3.58
CA THR C 124 7.84 31.38 -3.86
C THR C 124 6.37 31.30 -3.45
N VAL C 125 5.80 30.10 -3.30
CA VAL C 125 4.40 29.93 -2.92
C VAL C 125 4.27 29.33 -1.54
N LYS C 126 4.84 28.13 -1.34
CA LYS C 126 4.77 27.47 -0.04
C LYS C 126 5.48 28.28 1.04
N GLY C 127 6.60 28.91 0.69
CA GLY C 127 7.29 29.80 1.58
C GLY C 127 8.56 29.25 2.19
N ILE C 128 9.05 28.11 1.69
CA ILE C 128 10.22 27.45 2.25
C ILE C 128 11.39 28.38 2.11
N GLN C 129 12.27 28.39 3.12
CA GLN C 129 13.44 29.23 3.07
C GLN C 129 14.43 28.80 2.02
N LYS C 130 15.01 29.77 1.30
CA LYS C 130 16.05 29.43 0.29
C LYS C 130 17.37 29.16 0.99
N TYR C 131 18.11 28.09 0.61
CA TYR C 131 17.78 27.03 -0.36
C TYR C 131 17.66 25.67 0.34
N LYS C 132 16.65 25.58 1.20
CA LYS C 132 16.44 24.44 2.09
C LYS C 132 15.38 23.47 1.57
N ALA C 133 14.85 23.68 0.35
CA ALA C 133 13.80 22.82 -0.16
C ALA C 133 14.31 21.41 -0.43
N LYS C 134 13.50 20.43 -0.03
CA LYS C 134 13.84 19.04 -0.25
C LYS C 134 12.87 18.40 -1.23
N ILE C 135 13.33 17.41 -1.98
CA ILE C 135 12.42 16.61 -2.80
C ILE C 135 12.65 15.17 -2.41
N VAL C 136 11.57 14.44 -2.14
CA VAL C 136 11.65 13.05 -1.69
C VAL C 136 11.46 12.13 -2.90
N PHE C 137 12.27 11.05 -2.98
CA PHE C 137 12.22 10.04 -4.03
C PHE C 137 12.08 8.68 -3.38
N ALA C 138 11.67 7.69 -4.18
CA ALA C 138 11.59 6.34 -3.68
C ALA C 138 12.82 5.57 -4.12
N ALA C 139 13.34 4.77 -3.19
CA ALA C 139 14.46 3.87 -3.55
C ALA C 139 14.06 3.01 -4.75
N GLY C 140 15.01 2.82 -5.68
CA GLY C 140 14.70 2.08 -6.89
C GLY C 140 14.37 2.98 -8.05
N ASN C 141 14.15 4.27 -7.80
CA ASN C 141 13.74 5.21 -8.86
C ASN C 141 14.78 5.26 -9.95
N PHE C 142 14.29 5.46 -11.19
CA PHE C 142 15.14 5.81 -12.32
C PHE C 142 14.43 6.87 -13.13
N TRP C 143 15.09 8.03 -13.32
CA TRP C 143 14.46 9.03 -14.18
C TRP C 143 15.51 9.66 -15.08
N GLY C 144 16.64 8.99 -15.27
CA GLY C 144 17.55 9.43 -16.31
C GLY C 144 18.95 9.56 -15.77
N ARG C 145 19.79 10.29 -16.53
CA ARG C 145 21.24 10.16 -16.39
C ARG C 145 21.96 11.47 -16.16
N THR C 146 21.25 12.56 -15.89
CA THR C 146 21.97 13.80 -15.55
C THR C 146 22.56 13.68 -14.13
N LEU C 147 23.44 14.62 -13.77
CA LEU C 147 24.00 14.55 -12.42
C LEU C 147 22.90 14.62 -11.37
N SER C 148 21.84 15.39 -11.63
CA SER C 148 20.77 15.45 -10.67
C SER C 148 20.01 14.14 -10.60
N ALA C 149 19.68 13.57 -11.75
CA ALA C 149 18.94 12.32 -11.70
C ALA C 149 19.72 11.23 -10.97
N ILE C 150 21.03 11.13 -11.19
CA ILE C 150 21.71 10.01 -10.52
C ILE C 150 21.91 10.30 -9.03
N SER C 151 21.75 11.55 -8.62
CA SER C 151 21.91 11.89 -7.22
C SER C 151 20.77 11.37 -6.39
N SER C 152 19.62 11.13 -7.00
CA SER C 152 18.53 10.54 -6.26
C SER C 152 18.51 9.02 -6.33
N SER C 153 19.41 8.40 -7.07
CA SER C 153 19.35 6.98 -7.34
C SER C 153 19.93 6.20 -6.16
N THR C 154 19.42 4.97 -5.94
CA THR C 154 20.07 4.05 -5.01
C THR C 154 20.81 2.94 -5.74
N ASP C 155 20.96 3.07 -7.08
CA ASP C 155 21.66 2.09 -7.89
C ASP C 155 23.13 2.51 -8.06
N PRO C 156 24.10 1.80 -7.47
CA PRO C 156 25.49 2.26 -7.63
C PRO C 156 25.94 2.35 -9.08
N THR C 157 25.40 1.52 -9.99
CA THR C 157 25.81 1.71 -11.40
C THR C 157 25.39 3.10 -11.93
N SER C 158 24.34 3.70 -11.39
CA SER C 158 23.96 5.05 -11.80
C SER C 158 24.90 6.10 -11.23
N TYR C 159 25.24 6.01 -9.92
CA TYR C 159 25.91 7.15 -9.29
C TYR C 159 27.39 6.95 -8.99
N ASP C 160 27.88 5.71 -8.87
CA ASP C 160 29.26 5.50 -8.41
C ASP C 160 30.27 6.07 -9.39
N GLY C 161 31.16 6.91 -8.84
CA GLY C 161 32.18 7.56 -9.63
C GLY C 161 31.73 8.85 -10.29
N PHE C 162 30.53 9.36 -9.99
CA PHE C 162 30.04 10.55 -10.67
C PHE C 162 29.70 11.71 -9.73
N GLY C 163 30.00 11.61 -8.44
CA GLY C 163 29.78 12.71 -7.51
C GLY C 163 30.85 13.76 -7.58
N PRO C 164 30.74 14.76 -6.70
CA PRO C 164 29.74 14.93 -5.61
C PRO C 164 28.35 15.20 -6.11
N PHE C 165 27.38 14.88 -5.25
CA PHE C 165 26.00 14.79 -5.66
C PHE C 165 25.16 16.02 -5.31
N MET C 166 24.06 16.15 -6.05
CA MET C 166 23.12 17.26 -5.76
C MET C 166 22.53 17.11 -4.36
N PRO C 167 22.64 18.14 -3.50
CA PRO C 167 21.94 18.12 -2.21
C PRO C 167 20.43 18.32 -2.37
N GLY C 168 19.74 18.01 -1.29
CA GLY C 168 18.32 18.35 -1.22
C GLY C 168 17.40 17.24 -1.65
N PHE C 169 17.95 16.04 -1.91
CA PHE C 169 17.14 14.89 -2.29
C PHE C 169 17.10 13.89 -1.14
N ASP C 170 15.91 13.50 -0.71
CA ASP C 170 15.75 12.50 0.36
C ASP C 170 15.19 11.24 -0.27
N ILE C 171 15.53 10.09 0.29
CA ILE C 171 15.11 8.80 -0.28
C ILE C 171 14.42 7.98 0.79
N ILE C 172 13.27 7.39 0.44
CA ILE C 172 12.48 6.49 1.30
C ILE C 172 12.21 5.22 0.50
N PRO C 173 11.80 4.15 1.16
CA PRO C 173 11.43 2.95 0.40
C PRO C 173 10.19 3.17 -0.44
N TYR C 174 10.12 2.44 -1.57
CA TYR C 174 8.93 2.46 -2.41
C TYR C 174 7.79 1.73 -1.72
N ASN C 175 6.56 2.03 -2.14
CA ASN C 175 5.40 1.21 -1.71
C ASN C 175 5.28 1.20 -0.18
N ASP C 176 5.54 2.35 0.44
CA ASP C 176 5.70 2.39 1.93
C ASP C 176 5.07 3.71 2.38
N LEU C 177 3.78 3.64 2.76
CA LEU C 177 3.11 4.86 3.19
C LEU C 177 3.56 5.35 4.58
N PRO C 178 3.81 4.48 5.58
CA PRO C 178 4.39 5.01 6.86
C PRO C 178 5.67 5.78 6.63
N ALA C 179 6.49 5.33 5.65
CA ALA C 179 7.78 6.00 5.44
C ALA C 179 7.56 7.37 4.81
N LEU C 180 6.58 7.48 3.92
CA LEU C 180 6.28 8.78 3.32
C LEU C 180 5.71 9.71 4.38
N GLU C 181 4.78 9.21 5.18
CA GLU C 181 4.25 10.02 6.27
C GLU C 181 5.37 10.53 7.20
N ARG C 182 6.35 9.68 7.54
CA ARG C 182 7.47 10.14 8.35
C ARG C 182 8.31 11.19 7.62
N ALA C 183 8.57 10.99 6.33
CA ALA C 183 9.42 11.95 5.60
C ALA C 183 8.74 13.30 5.46
N LEU C 184 7.40 13.31 5.35
CA LEU C 184 6.72 14.58 5.10
C LEU C 184 6.54 15.38 6.40
N GLN C 185 7.08 14.93 7.55
CA GLN C 185 7.08 15.80 8.73
C GLN C 185 8.01 16.99 8.57
N ASP C 186 8.98 16.91 7.67
CA ASP C 186 9.90 18.04 7.46
C ASP C 186 9.23 19.14 6.62
N PRO C 187 8.97 20.31 7.19
CA PRO C 187 8.26 21.35 6.44
C PRO C 187 9.02 21.83 5.24
N ASN C 188 10.29 21.51 5.13
CA ASN C 188 11.01 21.93 3.95
C ASN C 188 10.83 21.01 2.77
N VAL C 189 10.08 19.92 2.90
CA VAL C 189 9.82 19.11 1.69
C VAL C 189 8.85 19.85 0.76
N ALA C 190 9.25 20.01 -0.51
CA ALA C 190 8.43 20.66 -1.55
C ALA C 190 7.66 19.63 -2.38
N ALA C 191 8.23 18.46 -2.59
CA ALA C 191 7.57 17.51 -3.48
C ALA C 191 8.02 16.10 -3.15
N PHE C 192 7.20 15.13 -3.60
CA PHE C 192 7.53 13.72 -3.66
C PHE C 192 7.40 13.31 -5.10
N MET C 193 8.49 12.80 -5.69
CA MET C 193 8.49 12.30 -7.07
C MET C 193 8.51 10.77 -7.05
N VAL C 194 7.58 10.17 -7.82
CA VAL C 194 7.44 8.71 -7.72
C VAL C 194 6.90 8.16 -9.04
N GLU C 195 7.38 6.94 -9.41
CA GLU C 195 6.84 6.19 -10.56
C GLU C 195 5.64 5.37 -10.09
N PRO C 196 4.49 5.37 -10.79
CA PRO C 196 3.36 4.54 -10.32
C PRO C 196 3.64 3.04 -10.35
N ILE C 197 4.49 2.63 -11.27
CA ILE C 197 5.12 1.32 -11.29
C ILE C 197 6.58 1.61 -11.56
N GLN C 198 7.49 1.07 -10.73
CA GLN C 198 8.90 1.34 -11.00
C GLN C 198 9.39 0.49 -12.16
N GLY C 199 9.89 1.14 -13.20
CA GLY C 199 10.35 0.40 -14.36
C GLY C 199 11.69 -0.30 -14.21
N GLU C 200 12.77 0.49 -14.14
CA GLU C 200 14.10 -0.12 -14.12
C GLU C 200 14.43 -0.76 -12.78
N ALA C 201 13.64 -0.51 -11.75
CA ALA C 201 13.81 -1.31 -10.55
C ALA C 201 13.34 -2.75 -10.76
N GLY C 202 12.63 -3.05 -11.87
CA GLY C 202 12.19 -4.39 -12.16
C GLY C 202 10.68 -4.57 -12.28
N VAL C 203 9.96 -3.57 -12.82
CA VAL C 203 8.48 -3.59 -12.92
C VAL C 203 7.92 -3.90 -11.54
N VAL C 204 8.25 -3.01 -10.59
CA VAL C 204 7.81 -3.16 -9.21
C VAL C 204 6.45 -2.47 -9.08
N VAL C 205 5.42 -3.24 -8.84
CA VAL C 205 4.05 -2.75 -8.77
C VAL C 205 3.69 -2.53 -7.30
N PRO C 206 3.30 -1.35 -6.91
CA PRO C 206 2.99 -1.12 -5.50
C PRO C 206 1.61 -1.67 -5.18
N ASP C 207 1.36 -1.83 -3.87
CA ASP C 207 0.11 -2.44 -3.42
C ASP C 207 -1.09 -1.55 -3.76
N PRO C 208 -2.27 -2.13 -4.02
CA PRO C 208 -3.47 -1.31 -4.19
C PRO C 208 -3.64 -0.33 -3.05
N GLY C 209 -4.01 0.92 -3.37
CA GLY C 209 -4.15 1.92 -2.34
C GLY C 209 -2.93 2.78 -2.13
N TYR C 210 -1.77 2.36 -2.65
CA TYR C 210 -0.57 3.15 -2.44
C TYR C 210 -0.71 4.54 -3.06
N LEU C 211 -1.27 4.62 -4.27
CA LEU C 211 -1.32 5.92 -4.92
C LEU C 211 -2.35 6.82 -4.26
N MET C 212 -3.48 6.23 -3.83
CA MET C 212 -4.42 7.03 -3.06
C MET C 212 -3.76 7.57 -1.80
N GLY C 213 -2.98 6.73 -1.11
CA GLY C 213 -2.32 7.18 0.11
C GLY C 213 -1.26 8.23 -0.15
N VAL C 214 -0.54 8.12 -1.28
CA VAL C 214 0.44 9.15 -1.64
C VAL C 214 -0.26 10.50 -1.87
N ARG C 215 -1.36 10.49 -2.62
CA ARG C 215 -2.10 11.72 -2.85
C ARG C 215 -2.64 12.30 -1.54
N GLU C 216 -3.15 11.43 -0.65
CA GLU C 216 -3.72 11.92 0.61
C GLU C 216 -2.63 12.57 1.49
N LEU C 217 -1.46 11.91 1.58
CA LEU C 217 -0.40 12.46 2.42
C LEU C 217 0.20 13.73 1.84
N CYS C 218 0.40 13.77 0.52
CA CYS C 218 0.91 14.98 -0.14
C CYS C 218 -0.03 16.15 0.08
N THR C 219 -1.34 15.93 -0.08
CA THR C 219 -2.27 17.03 0.19
C THR C 219 -2.21 17.47 1.65
N ARG C 220 -2.21 16.51 2.59
CA ARG C 220 -2.27 16.83 4.00
C ARG C 220 -1.10 17.73 4.41
N HIS C 221 0.06 17.51 3.79
CA HIS C 221 1.27 18.25 4.19
C HIS C 221 1.68 19.32 3.22
N GLN C 222 0.83 19.64 2.25
CA GLN C 222 1.13 20.71 1.30
C GLN C 222 2.41 20.45 0.55
N VAL C 223 2.47 19.26 -0.06
CA VAL C 223 3.64 18.76 -0.76
C VAL C 223 3.15 18.38 -2.16
N LEU C 224 3.94 18.73 -3.19
CA LEU C 224 3.54 18.37 -4.56
C LEU C 224 3.75 16.89 -4.82
N PHE C 225 2.70 16.24 -5.35
CA PHE C 225 2.81 14.86 -5.82
C PHE C 225 3.21 14.87 -7.30
N ILE C 226 4.47 14.51 -7.60
CA ILE C 226 4.96 14.44 -8.99
C ILE C 226 4.93 12.98 -9.42
N ALA C 227 4.13 12.66 -10.44
CA ALA C 227 4.03 11.31 -10.99
C ALA C 227 4.87 11.24 -12.25
N ASP C 228 5.91 10.41 -12.22
CA ASP C 228 6.74 10.19 -13.39
C ASP C 228 6.06 9.10 -14.21
N GLU C 229 5.31 9.51 -15.24
CA GLU C 229 4.62 8.59 -16.14
C GLU C 229 5.34 8.47 -17.49
N ILE C 230 6.63 8.77 -17.49
CA ILE C 230 7.39 8.71 -18.73
C ILE C 230 7.44 7.29 -19.32
N GLN C 231 7.56 6.24 -18.48
CA GLN C 231 7.41 4.86 -18.98
C GLN C 231 6.01 4.31 -18.82
N THR C 232 5.31 4.64 -17.69
CA THR C 232 4.04 3.98 -17.41
C THR C 232 2.85 4.59 -18.12
N GLY C 233 2.99 5.80 -18.67
CA GLY C 233 1.83 6.47 -19.20
C GLY C 233 1.54 6.05 -20.63
N LEU C 234 0.50 6.70 -21.18
CA LEU C 234 0.25 6.62 -22.64
C LEU C 234 -0.09 5.20 -23.04
N ALA C 235 -1.00 4.57 -22.28
CA ALA C 235 -1.63 3.28 -22.56
C ALA C 235 -0.76 2.07 -22.23
N ARG C 236 0.54 2.23 -21.91
CA ARG C 236 1.41 1.08 -21.65
C ARG C 236 0.84 0.17 -20.57
N THR C 237 0.27 0.73 -19.47
CA THR C 237 -0.24 -0.12 -18.41
C THR C 237 -1.73 -0.38 -18.51
N GLY C 238 -2.39 0.07 -19.58
CA GLY C 238 -3.83 -0.12 -19.71
C GLY C 238 -4.67 1.10 -19.42
N ARG C 239 -4.04 2.26 -19.23
CA ARG C 239 -4.75 3.53 -18.96
C ARG C 239 -3.99 4.68 -19.59
N TRP C 240 -4.65 5.82 -19.74
CA TRP C 240 -3.92 7.01 -20.20
C TRP C 240 -2.75 7.34 -19.29
N LEU C 241 -2.96 7.25 -17.95
CA LEU C 241 -1.88 7.32 -16.96
C LEU C 241 -2.04 6.15 -16.02
N ALA C 242 -0.92 5.59 -15.55
CA ALA C 242 -1.03 4.51 -14.57
C ALA C 242 -1.74 4.96 -13.31
N VAL C 243 -1.63 6.24 -12.94
CA VAL C 243 -2.36 6.71 -11.74
C VAL C 243 -3.85 6.61 -11.92
N ASP C 244 -4.34 6.46 -13.16
CA ASP C 244 -5.78 6.34 -13.32
C ASP C 244 -6.33 5.08 -12.67
N TYR C 245 -5.52 4.05 -12.46
CA TYR C 245 -6.03 2.82 -11.81
C TYR C 245 -6.56 3.11 -10.42
N GLU C 246 -6.09 4.20 -9.80
CA GLU C 246 -6.64 4.62 -8.50
C GLU C 246 -7.32 5.98 -8.56
N ASN C 247 -7.49 6.55 -9.75
CA ASN C 247 -8.24 7.77 -9.98
C ASN C 247 -7.75 8.90 -9.08
N VAL C 248 -6.42 9.08 -9.03
CA VAL C 248 -5.86 10.19 -8.26
C VAL C 248 -5.25 11.18 -9.24
N ARG C 249 -5.21 12.43 -8.83
CA ARG C 249 -4.72 13.52 -9.70
C ARG C 249 -3.40 14.02 -9.14
N PRO C 250 -2.25 13.68 -9.75
CA PRO C 250 -1.00 14.26 -9.27
C PRO C 250 -0.97 15.75 -9.48
N ASP C 251 -0.11 16.46 -8.72
CA ASP C 251 0.09 17.88 -9.00
C ASP C 251 0.88 18.14 -10.28
N ILE C 252 1.87 17.30 -10.57
CA ILE C 252 2.68 17.39 -11.78
C ILE C 252 2.73 16.00 -12.41
N VAL C 253 2.53 15.95 -13.73
CA VAL C 253 2.62 14.70 -14.49
C VAL C 253 3.73 14.85 -15.52
N LEU C 254 4.62 13.84 -15.60
CA LEU C 254 5.73 13.81 -16.55
C LEU C 254 5.40 12.82 -17.64
N LEU C 255 5.54 13.22 -18.93
CA LEU C 255 5.35 12.33 -20.07
C LEU C 255 6.56 12.42 -20.96
N GLY C 256 6.85 11.33 -21.68
CA GLY C 256 8.02 11.28 -22.55
C GLY C 256 7.86 10.04 -23.43
N LYS C 257 8.98 9.49 -23.92
CA LYS C 257 9.02 8.22 -24.66
C LYS C 257 7.95 8.08 -25.72
N ALA C 258 6.83 7.41 -25.43
CA ALA C 258 5.83 7.20 -26.48
C ALA C 258 5.02 8.44 -26.83
N LEU C 259 5.23 9.57 -26.16
CA LEU C 259 4.60 10.80 -26.60
C LEU C 259 4.87 11.08 -28.06
N SER C 260 5.93 10.52 -28.67
CA SER C 260 6.19 10.71 -30.09
C SER C 260 6.06 9.44 -30.90
N GLY C 261 5.68 8.33 -30.27
CA GLY C 261 5.72 7.09 -31.01
C GLY C 261 7.12 6.65 -31.42
N GLY C 262 8.15 7.23 -30.79
CA GLY C 262 9.51 6.91 -31.19
C GLY C 262 10.09 7.73 -32.31
N LEU C 263 9.35 8.67 -32.89
CA LEU C 263 9.85 9.35 -34.08
C LEU C 263 10.62 10.64 -33.77
N TYR C 264 10.67 11.05 -32.51
CA TYR C 264 11.20 12.37 -32.13
C TYR C 264 11.30 12.44 -30.61
N PRO C 265 12.35 12.94 -30.04
CA PRO C 265 12.36 13.09 -28.57
C PRO C 265 11.46 14.22 -28.13
N VAL C 266 10.24 13.92 -27.64
CA VAL C 266 9.34 14.91 -27.07
C VAL C 266 8.97 14.53 -25.64
N SER C 267 9.04 15.50 -24.74
CA SER C 267 8.59 15.23 -23.38
C SER C 267 7.76 16.41 -22.87
N ALA C 268 7.01 16.19 -21.79
CA ALA C 268 6.05 17.20 -21.39
C ALA C 268 5.92 17.19 -19.86
N VAL C 269 5.69 18.38 -19.29
CA VAL C 269 5.42 18.54 -17.86
C VAL C 269 4.06 19.21 -17.75
N LEU C 270 3.08 18.51 -17.16
CA LEU C 270 1.72 19.03 -17.02
C LEU C 270 1.43 19.43 -15.58
N CYS C 271 0.87 20.63 -15.38
CA CYS C 271 0.43 21.04 -14.04
C CYS C 271 -0.43 22.30 -14.19
N ASP C 272 -1.09 22.64 -13.07
CA ASP C 272 -1.97 23.79 -13.06
C ASP C 272 -1.21 25.11 -12.88
N ASP C 273 -1.94 26.22 -13.05
CA ASP C 273 -1.31 27.54 -13.11
C ASP C 273 -0.55 27.87 -11.83
N ASP C 274 -1.11 27.52 -10.67
CA ASP C 274 -0.46 27.95 -9.41
C ASP C 274 0.93 27.33 -9.27
N ILE C 275 1.20 26.22 -9.95
CA ILE C 275 2.54 25.66 -10.00
C ILE C 275 3.30 26.15 -11.22
N MET C 276 2.69 26.02 -12.42
CA MET C 276 3.43 26.31 -13.65
C MET C 276 3.98 27.74 -13.69
N LEU C 277 3.15 28.71 -13.28
CA LEU C 277 3.49 30.12 -13.44
C LEU C 277 4.49 30.62 -12.41
N THR C 278 4.99 29.77 -11.52
CA THR C 278 6.11 30.18 -10.69
C THR C 278 7.39 30.35 -11.48
N ILE C 279 7.49 29.77 -12.67
CA ILE C 279 8.64 30.02 -13.53
C ILE C 279 8.28 31.17 -14.47
N LYS C 280 9.07 32.21 -14.45
CA LYS C 280 8.83 33.45 -15.20
C LYS C 280 9.57 33.42 -16.55
N PRO C 281 9.22 34.31 -17.48
CA PRO C 281 9.95 34.35 -18.76
C PRO C 281 11.44 34.52 -18.56
N GLY C 282 12.21 33.71 -19.29
CA GLY C 282 13.65 33.72 -19.26
C GLY C 282 14.27 32.85 -18.20
N GLU C 283 13.48 32.07 -17.45
CA GLU C 283 14.00 31.30 -16.33
C GLU C 283 14.08 29.79 -16.60
N HIS C 284 13.61 29.31 -17.76
CA HIS C 284 13.72 27.87 -18.04
C HIS C 284 13.38 27.67 -19.49
N GLY C 285 13.88 26.57 -20.06
CA GLY C 285 13.52 26.22 -21.42
C GLY C 285 14.59 25.32 -22.02
N SER C 286 14.67 25.37 -23.35
N SER C 286 14.64 25.34 -23.35
CA SER C 286 15.53 24.49 -24.12
CA SER C 286 15.58 24.52 -24.12
C SER C 286 15.49 24.85 -25.60
C SER C 286 15.53 24.94 -25.59
N THR C 287 16.59 24.60 -26.32
CA THR C 287 16.63 24.97 -27.74
C THR C 287 15.50 24.30 -28.50
N TYR C 288 15.37 22.97 -28.35
CA TYR C 288 14.42 22.24 -29.20
C TYR C 288 13.06 22.07 -28.56
N GLY C 289 12.90 22.44 -27.29
CA GLY C 289 11.60 22.17 -26.66
C GLY C 289 10.50 22.96 -27.35
N GLY C 290 9.38 22.29 -27.70
CA GLY C 290 8.26 22.97 -28.27
C GLY C 290 8.40 23.21 -29.78
N ASN C 291 9.40 22.66 -30.43
CA ASN C 291 9.56 22.92 -31.85
C ASN C 291 8.39 22.36 -32.64
N PRO C 292 8.13 22.90 -33.84
CA PRO C 292 6.90 22.50 -34.57
C PRO C 292 6.90 21.06 -35.05
N LEU C 293 8.07 20.51 -35.37
CA LEU C 293 8.12 19.15 -35.89
C LEU C 293 7.75 18.15 -34.81
N GLY C 294 8.41 18.22 -33.65
CA GLY C 294 8.05 17.35 -32.53
C GLY C 294 6.60 17.51 -32.14
N CYS C 295 6.08 18.76 -32.19
CA CYS C 295 4.67 18.97 -31.80
C CYS C 295 3.71 18.27 -32.75
N ARG C 296 3.94 18.37 -34.07
CA ARG C 296 3.07 17.66 -34.99
C ARG C 296 3.13 16.15 -34.72
N VAL C 297 4.35 15.63 -34.52
CA VAL C 297 4.52 14.22 -34.25
C VAL C 297 3.74 13.82 -33.00
N ALA C 298 3.79 14.66 -31.95
CA ALA C 298 3.19 14.32 -30.67
C ALA C 298 1.67 14.35 -30.75
N ILE C 299 1.12 15.27 -31.52
CA ILE C 299 -0.33 15.26 -31.70
C ILE C 299 -0.76 13.96 -32.34
N ALA C 300 -0.09 13.55 -33.43
CA ALA C 300 -0.49 12.30 -34.09
C ALA C 300 -0.31 11.09 -33.17
N ALA C 301 0.79 11.06 -32.41
CA ALA C 301 1.07 9.91 -31.54
C ALA C 301 -0.01 9.75 -30.50
N LEU C 302 -0.49 10.86 -29.96
CA LEU C 302 -1.58 10.79 -28.99
C LEU C 302 -2.88 10.40 -29.65
N GLU C 303 -3.15 10.93 -30.84
CA GLU C 303 -4.36 10.55 -31.57
C GLU C 303 -4.41 9.04 -31.84
N VAL C 304 -3.25 8.45 -32.17
CA VAL C 304 -3.22 7.00 -32.42
C VAL C 304 -3.66 6.24 -31.15
N LEU C 305 -3.13 6.64 -30.01
CA LEU C 305 -3.48 5.94 -28.77
C LEU C 305 -4.98 6.02 -28.51
N GLU C 306 -5.58 7.19 -28.77
CA GLU C 306 -7.01 7.32 -28.60
C GLU C 306 -7.77 6.51 -29.64
N GLU C 307 -7.47 6.73 -30.92
CA GLU C 307 -8.30 6.17 -31.98
C GLU C 307 -8.28 4.66 -32.00
N GLU C 308 -7.14 4.05 -31.66
CA GLU C 308 -7.00 2.61 -31.72
C GLU C 308 -7.26 1.94 -30.37
N ASN C 309 -7.72 2.71 -29.38
CA ASN C 309 -8.07 2.15 -28.05
C ASN C 309 -7.00 1.22 -27.53
N LEU C 310 -5.78 1.72 -27.58
CA LEU C 310 -4.66 0.89 -27.20
C LEU C 310 -4.61 0.63 -25.70
N ALA C 311 -5.13 1.55 -24.88
CA ALA C 311 -5.14 1.28 -23.44
C ALA C 311 -5.98 0.04 -23.14
N GLU C 312 -7.16 -0.04 -23.74
CA GLU C 312 -8.04 -1.18 -23.52
C GLU C 312 -7.38 -2.47 -24.01
N ASN C 313 -6.69 -2.42 -25.15
CA ASN C 313 -6.01 -3.62 -25.68
C ASN C 313 -4.89 -4.04 -24.76
N ALA C 314 -4.10 -3.08 -24.26
CA ALA C 314 -3.02 -3.41 -23.32
C ALA C 314 -3.55 -4.04 -22.06
N ASP C 315 -4.68 -3.52 -21.56
CA ASP C 315 -5.29 -4.08 -20.37
C ASP C 315 -5.78 -5.51 -20.62
N LYS C 316 -6.54 -5.71 -21.71
CA LYS C 316 -7.08 -7.06 -21.97
C LYS C 316 -5.96 -8.08 -22.25
N LEU C 317 -4.95 -7.69 -23.04
CA LEU C 317 -3.91 -8.65 -23.41
C LEU C 317 -2.87 -8.85 -22.32
N GLY C 318 -2.65 -7.85 -21.46
CA GLY C 318 -1.68 -8.05 -20.38
C GLY C 318 -2.10 -9.14 -19.39
N ILE C 319 -3.40 -9.26 -19.12
CA ILE C 319 -3.80 -10.27 -18.13
C ILE C 319 -3.62 -11.65 -18.76
N ILE C 320 -3.83 -11.76 -20.07
CA ILE C 320 -3.56 -13.02 -20.76
C ILE C 320 -2.08 -13.37 -20.63
N LEU C 321 -1.21 -12.41 -20.91
CA LEU C 321 0.22 -12.67 -20.84
C LEU C 321 0.65 -13.08 -19.41
N ARG C 322 0.21 -12.34 -18.41
CA ARG C 322 0.60 -12.71 -17.04
C ARG C 322 0.04 -14.09 -16.67
N ASN C 323 -1.25 -14.33 -16.95
CA ASN C 323 -1.83 -15.61 -16.59
C ASN C 323 -1.11 -16.78 -17.27
N GLU C 324 -0.71 -16.62 -18.54
CA GLU C 324 -0.04 -17.74 -19.22
C GLU C 324 1.36 -17.95 -18.64
N LEU C 325 2.06 -16.86 -18.38
CA LEU C 325 3.39 -16.97 -17.80
C LEU C 325 3.38 -17.59 -16.43
N MET C 326 2.32 -17.35 -15.65
CA MET C 326 2.25 -17.95 -14.32
C MET C 326 2.08 -19.46 -14.36
N LYS C 327 1.85 -20.07 -15.54
CA LYS C 327 1.71 -21.52 -15.67
C LYS C 327 3.06 -22.24 -15.79
N LEU C 328 4.15 -21.49 -15.97
CA LEU C 328 5.48 -22.09 -16.00
C LEU C 328 5.85 -22.60 -14.60
N PRO C 329 6.71 -23.62 -14.51
CA PRO C 329 7.02 -24.20 -13.20
C PRO C 329 7.66 -23.19 -12.27
N SER C 330 7.33 -23.31 -10.98
CA SER C 330 7.79 -22.36 -9.96
C SER C 330 9.28 -22.45 -9.68
N ASP C 331 9.95 -23.51 -10.09
CA ASP C 331 11.38 -23.59 -9.89
C ASP C 331 12.12 -22.82 -10.96
N VAL C 332 11.45 -22.50 -12.06
CA VAL C 332 12.09 -21.82 -13.18
C VAL C 332 11.73 -20.34 -13.20
N VAL C 333 10.45 -20.02 -13.12
CA VAL C 333 9.95 -18.66 -13.05
C VAL C 333 9.37 -18.46 -11.65
N THR C 334 10.00 -17.60 -10.84
CA THR C 334 9.60 -17.53 -9.44
C THR C 334 8.57 -16.43 -9.20
N ALA C 335 8.44 -15.47 -10.12
CA ALA C 335 7.44 -14.43 -9.97
C ALA C 335 7.06 -13.87 -11.33
N VAL C 336 5.81 -13.41 -11.43
CA VAL C 336 5.28 -12.73 -12.60
C VAL C 336 4.56 -11.47 -12.15
N ARG C 337 4.86 -10.35 -12.79
CA ARG C 337 4.20 -9.15 -12.31
C ARG C 337 4.04 -8.15 -13.43
N GLY C 338 3.16 -7.17 -13.19
CA GLY C 338 2.94 -6.17 -14.22
C GLY C 338 1.53 -5.62 -14.20
N LYS C 339 1.32 -4.55 -14.98
CA LYS C 339 0.00 -4.01 -15.27
C LYS C 339 -0.06 -3.77 -16.77
N GLY C 340 -1.20 -4.03 -17.38
CA GLY C 340 -1.28 -3.83 -18.83
C GLY C 340 -0.17 -4.58 -19.57
N LEU C 341 0.51 -3.91 -20.48
CA LEU C 341 1.61 -4.56 -21.21
C LEU C 341 2.99 -4.10 -20.71
N LEU C 342 3.10 -3.75 -19.45
CA LEU C 342 4.39 -3.55 -18.79
C LEU C 342 4.54 -4.69 -17.81
N ASN C 343 5.33 -5.72 -18.15
CA ASN C 343 5.39 -6.92 -17.32
C ASN C 343 6.83 -7.35 -17.12
N ALA C 344 7.03 -8.21 -16.13
CA ALA C 344 8.35 -8.81 -15.93
C ALA C 344 8.18 -10.22 -15.37
N ILE C 345 9.17 -11.07 -15.60
CA ILE C 345 9.27 -12.32 -14.86
C ILE C 345 10.58 -12.32 -14.09
N VAL C 346 10.56 -13.04 -12.98
CA VAL C 346 11.77 -13.33 -12.22
C VAL C 346 12.14 -14.80 -12.44
N ILE C 347 13.41 -15.03 -12.75
CA ILE C 347 14.02 -16.30 -13.10
C ILE C 347 14.70 -16.88 -11.85
N LYS C 348 14.77 -18.20 -11.73
CA LYS C 348 15.56 -18.73 -10.62
C LYS C 348 17.00 -18.81 -11.10
N GLU C 349 17.74 -17.72 -10.92
CA GLU C 349 19.15 -17.72 -11.30
C GLU C 349 19.93 -18.81 -10.55
N THR C 350 20.87 -19.42 -11.25
CA THR C 350 21.83 -20.32 -10.67
C THR C 350 23.22 -19.86 -11.09
N LYS C 351 24.23 -20.62 -10.68
CA LYS C 351 25.62 -20.35 -11.05
C LYS C 351 25.75 -20.09 -12.54
N ASP C 352 25.03 -20.89 -13.34
CA ASP C 352 25.18 -20.88 -14.80
C ASP C 352 24.07 -20.10 -15.47
N TRP C 353 22.84 -20.51 -15.25
CA TRP C 353 21.69 -20.02 -16.00
C TRP C 353 21.26 -18.67 -15.45
N ASP C 354 21.11 -17.68 -16.34
CA ASP C 354 20.79 -16.33 -15.90
C ASP C 354 19.89 -15.67 -16.95
N ALA C 355 19.40 -14.47 -16.62
CA ALA C 355 18.49 -13.77 -17.53
C ALA C 355 19.13 -13.46 -18.87
N TRP C 356 20.44 -13.19 -18.90
CA TRP C 356 21.06 -12.89 -20.18
C TRP C 356 21.01 -14.10 -21.11
N LYS C 357 21.42 -15.26 -20.61
CA LYS C 357 21.37 -16.48 -21.41
C LYS C 357 19.97 -16.77 -21.90
N VAL C 358 18.95 -16.46 -21.09
CA VAL C 358 17.59 -16.70 -21.54
C VAL C 358 17.24 -15.75 -22.69
N CYS C 359 17.67 -14.50 -22.58
CA CYS C 359 17.34 -13.54 -23.63
C CYS C 359 18.10 -13.82 -24.92
N LEU C 360 19.34 -14.30 -24.83
CA LEU C 360 20.04 -14.75 -26.03
C LEU C 360 19.27 -15.86 -26.73
N ARG C 361 18.74 -16.82 -25.96
CA ARG C 361 17.99 -17.88 -26.60
C ARG C 361 16.65 -17.38 -27.12
N LEU C 362 16.01 -16.46 -26.37
CA LEU C 362 14.79 -15.84 -26.87
C LEU C 362 15.04 -15.21 -28.23
N ARG C 363 16.15 -14.48 -28.35
CA ARG C 363 16.57 -13.92 -29.63
C ARG C 363 16.67 -15.02 -30.70
N ASP C 364 17.36 -16.11 -30.37
CA ASP C 364 17.51 -17.22 -31.32
C ASP C 364 16.16 -17.72 -31.83
N ASN C 365 15.13 -17.64 -30.99
CA ASN C 365 13.80 -18.17 -31.31
C ASN C 365 12.83 -17.11 -31.75
N GLY C 366 13.30 -15.90 -32.02
CA GLY C 366 12.52 -14.91 -32.71
C GLY C 366 11.86 -13.84 -31.87
N LEU C 367 12.32 -13.61 -30.64
CA LEU C 367 11.68 -12.68 -29.70
C LEU C 367 12.80 -11.91 -29.00
N LEU C 368 12.67 -10.59 -28.95
CA LEU C 368 13.71 -9.70 -28.39
C LEU C 368 13.29 -9.13 -27.03
N ALA C 369 14.09 -9.39 -26.02
CA ALA C 369 13.83 -8.90 -24.66
C ALA C 369 15.15 -8.65 -24.02
N LYS C 370 15.15 -7.86 -22.94
CA LYS C 370 16.41 -7.67 -22.24
C LYS C 370 16.21 -7.80 -20.74
N PRO C 371 17.19 -8.29 -20.01
CA PRO C 371 17.09 -8.28 -18.54
C PRO C 371 17.10 -6.87 -18.00
N THR C 372 16.37 -6.69 -16.88
CA THR C 372 16.55 -5.54 -16.03
C THR C 372 17.56 -5.84 -14.92
N HIS C 373 17.64 -7.09 -14.46
CA HIS C 373 18.65 -7.57 -13.51
C HIS C 373 19.11 -8.96 -13.89
N GLY C 374 20.03 -9.50 -13.10
CA GLY C 374 20.50 -10.83 -13.44
C GLY C 374 19.41 -11.85 -13.41
N ASP C 375 18.29 -11.55 -12.74
CA ASP C 375 17.19 -12.50 -12.62
C ASP C 375 15.85 -11.92 -13.08
N ILE C 376 15.80 -10.71 -13.62
CA ILE C 376 14.52 -10.12 -14.02
C ILE C 376 14.52 -9.85 -15.53
N ILE C 377 13.49 -10.30 -16.22
CA ILE C 377 13.36 -10.06 -17.65
C ILE C 377 12.07 -9.28 -17.87
N ARG C 378 12.21 -8.16 -18.61
CA ARG C 378 11.07 -7.33 -18.97
C ARG C 378 10.38 -7.88 -20.22
N PHE C 379 9.04 -7.92 -20.18
CA PHE C 379 8.27 -8.22 -21.39
C PHE C 379 7.31 -7.07 -21.62
N ALA C 380 7.50 -6.33 -22.73
CA ALA C 380 6.73 -5.12 -23.00
C ALA C 380 6.66 -4.90 -24.51
N PRO C 381 5.77 -5.62 -25.19
CA PRO C 381 5.61 -5.47 -26.65
C PRO C 381 4.80 -4.23 -26.98
N PRO C 382 4.85 -3.77 -28.23
CA PRO C 382 4.03 -2.61 -28.60
C PRO C 382 2.55 -2.92 -28.42
N LEU C 383 1.79 -1.88 -28.02
CA LEU C 383 0.40 -2.07 -27.64
C LEU C 383 -0.51 -2.39 -28.82
N VAL C 384 0.02 -2.33 -30.05
CA VAL C 384 -0.75 -2.75 -31.24
C VAL C 384 -0.77 -4.27 -31.45
N ILE C 385 -0.10 -5.05 -30.62
CA ILE C 385 -0.11 -6.50 -30.77
C ILE C 385 -1.54 -7.03 -30.67
N LYS C 386 -1.84 -8.08 -31.46
CA LYS C 386 -3.11 -8.78 -31.46
C LYS C 386 -2.99 -10.03 -30.61
N GLU C 387 -4.13 -10.58 -30.22
CA GLU C 387 -4.11 -11.75 -29.31
C GLU C 387 -3.38 -12.95 -29.94
N ASP C 388 -3.61 -13.23 -31.23
CA ASP C 388 -2.96 -14.40 -31.79
C ASP C 388 -1.45 -14.17 -31.87
N GLU C 389 -1.03 -12.91 -32.07
CA GLU C 389 0.40 -12.61 -32.06
C GLU C 389 0.98 -12.75 -30.65
N LEU C 390 0.21 -12.34 -29.65
CA LEU C 390 0.64 -12.50 -28.28
C LEU C 390 0.78 -13.98 -27.92
N ARG C 391 -0.18 -14.80 -28.34
CA ARG C 391 -0.11 -16.22 -28.01
C ARG C 391 1.03 -16.87 -28.76
N GLU C 392 1.29 -16.45 -30.00
CA GLU C 392 2.49 -16.91 -30.68
C GLU C 392 3.74 -16.56 -29.88
N SER C 393 3.83 -15.32 -29.37
CA SER C 393 4.98 -14.94 -28.56
C SER C 393 5.08 -15.78 -27.29
N ILE C 394 3.94 -16.02 -26.64
CA ILE C 394 3.95 -16.82 -25.42
C ILE C 394 4.51 -18.20 -25.72
N GLU C 395 4.11 -18.80 -26.87
CA GLU C 395 4.64 -20.10 -27.25
C GLU C 395 6.16 -20.06 -27.31
N ILE C 396 6.72 -18.97 -27.88
CA ILE C 396 8.17 -18.81 -27.97
C ILE C 396 8.80 -18.70 -26.58
N ILE C 397 8.21 -17.87 -25.72
CA ILE C 397 8.76 -17.72 -24.36
C ILE C 397 8.76 -19.07 -23.65
N ASN C 398 7.64 -19.81 -23.76
CA ASN C 398 7.52 -21.14 -23.16
C ASN C 398 8.62 -22.06 -23.66
N LYS C 399 8.72 -22.21 -24.98
CA LYS C 399 9.73 -23.09 -25.55
C LYS C 399 11.11 -22.75 -25.03
N THR C 400 11.43 -21.45 -25.04
CA THR C 400 12.76 -21.01 -24.65
C THR C 400 13.04 -21.33 -23.20
N ILE C 401 12.13 -20.93 -22.31
CA ILE C 401 12.35 -21.08 -20.87
C ILE C 401 12.55 -22.55 -20.50
N LEU C 402 11.71 -23.43 -21.03
CA LEU C 402 11.74 -24.86 -20.70
C LEU C 402 12.83 -25.61 -21.42
N SER C 403 13.52 -24.96 -22.35
CA SER C 403 14.57 -25.64 -23.10
C SER C 403 15.89 -25.76 -22.33
N PHE C 404 15.96 -25.21 -21.12
CA PHE C 404 17.17 -25.22 -20.32
C PHE C 404 17.18 -26.40 -19.35
C13 YR5 D . 18.77 -5.99 19.97
C20 YR5 D . 19.41 -6.40 18.89
O23 YR5 D . 17.51 -3.56 24.47
C01 YR5 D . 15.26 -9.28 18.85
C02 YR5 D . 14.01 -9.70 18.87
C03 YR5 D . 13.04 -9.27 19.95
C04 YR5 D . 13.52 -8.44 20.88
C05 YR5 D . 14.94 -7.95 20.90
C06 YR5 D . 15.75 -8.33 19.91
C07 YR5 D . 12.53 -7.98 21.95
C12 YR5 D . 17.47 -6.61 20.45
C14 YR5 D . 19.30 -4.79 20.66
C15 YR5 D . 18.57 -4.22 21.88
C16 YR5 D . 20.42 -4.20 20.30
C18 YR5 D . 20.68 -5.72 18.47
C19 YR5 D . 21.39 -6.24 17.22
F11 YR5 D . 13.54 -10.54 17.90
N10 YR5 D . 17.13 -7.91 19.84
N17 YR5 D . 21.15 -4.69 19.12
O08 YR5 D . 11.56 -8.72 22.26
O09 YR5 D . 12.70 -6.84 22.44
O21 YR5 D . 18.94 -7.46 18.09
O24 YR5 D . 18.86 -5.13 22.93
O25 YR5 D . 16.60 -5.69 23.90
O26 YR5 D . 18.49 -5.61 25.35
P22 YR5 D . 17.82 -5.01 24.21
C1 GOL E . 30.86 -19.71 7.26
O1 GOL E . 31.84 -20.11 6.30
C2 GOL E . 31.58 -19.62 8.60
O2 GOL E . 30.70 -19.42 9.72
C3 GOL E . 32.30 -21.00 8.60
O3 GOL E . 33.64 -20.74 8.93
C13 YR5 F . -34.00 0.48 -2.09
C20 YR5 F . -32.78 0.29 -1.66
O23 YR5 F . -38.28 1.78 -2.63
C01 YR5 F . -35.49 -0.49 2.50
C02 YR5 F . -36.39 -0.98 3.32
C03 YR5 F . -37.83 -1.02 2.94
C04 YR5 F . -38.18 -0.58 1.75
C05 YR5 F . -37.17 -0.02 0.75
C06 YR5 F . -35.90 -0.02 1.14
C07 YR5 F . -39.64 -0.64 1.40
C12 YR5 F . -35.23 0.51 -1.16
C14 YR5 F . -34.23 0.64 -3.53
C15 YR5 F . -35.66 0.81 -4.07
C16 YR5 F . -33.27 0.64 -4.42
C18 YR5 F . -31.67 0.32 -2.68
C19 YR5 F . -30.24 0.08 -2.16
F11 YR5 F . -36.03 -1.43 4.55
N10 YR5 F . -34.90 0.50 0.21
N17 YR5 F . -31.91 0.45 -3.93
O08 YR5 F . -40.48 -0.50 2.36
O09 YR5 F . -39.95 -0.80 0.19
O21 YR5 F . -32.43 0.12 -0.33
O24 YR5 F . -36.04 2.15 -3.89
O25 YR5 F . -37.93 3.78 -4.01
O26 YR5 F . -38.32 1.70 -5.15
P22 YR5 F . -37.72 2.31 -3.91
C1 GOL G . -16.10 6.10 7.76
O1 GOL G . -17.05 7.09 7.54
C2 GOL G . -14.66 6.76 7.73
O2 GOL G . -14.63 8.04 8.12
C3 GOL G . -13.77 5.82 8.63
O3 GOL G . -13.03 6.63 9.52
C1 GOL H . -17.87 1.49 -21.05
O1 GOL H . -16.93 2.56 -21.20
C2 GOL H . -17.16 0.22 -20.51
O2 GOL H . -16.09 -0.17 -21.33
C3 GOL H . -16.80 0.50 -19.01
O3 GOL H . -16.15 -0.66 -18.48
C13 YR5 I . 13.32 6.95 -17.88
C20 YR5 I . 12.47 6.28 -17.16
O23 YR5 I . 15.84 8.44 -21.30
C01 YR5 I . 15.08 2.57 -19.29
C02 YR5 I . 16.10 1.81 -19.69
C03 YR5 I . 17.30 2.42 -20.31
C04 YR5 I . 17.31 3.73 -20.50
C05 YR5 I . 16.18 4.63 -20.09
C06 YR5 I . 15.15 4.05 -19.47
C07 YR5 I . 18.54 4.29 -21.19
C12 YR5 I . 14.36 6.24 -18.78
C14 YR5 I . 13.38 8.42 -17.77
C15 YR5 I . 14.36 9.26 -18.56
C16 YR5 I . 12.53 9.10 -16.99
C18 YR5 I . 11.55 7.03 -16.25
C19 YR5 I . 10.56 6.22 -15.45
F11 YR5 I . 16.02 0.48 -19.44
N10 YR5 I . 14.02 4.84 -19.04
N17 YR5 I . 11.61 8.31 -16.21
O08 YR5 I . 19.25 3.50 -21.87
O09 YR5 I . 18.81 5.52 -21.14
O21 YR5 I . 12.36 4.93 -17.09
O24 YR5 I . 13.96 9.30 -19.89
O25 YR5 I . 14.31 10.12 -22.23
O26 YR5 I . 15.98 10.76 -20.52
P22 YR5 I . 15.10 9.67 -21.05
C1 GOL J . 21.40 14.38 -0.98
O1 GOL J . 20.61 14.79 -2.07
C2 GOL J . 22.40 13.11 -1.36
O2 GOL J . 22.35 12.02 -0.44
C3 GOL J . 22.34 12.86 -2.91
O3 GOL J . 23.09 11.66 -3.41
#